data_3HSY
#
_entry.id   3HSY
#
_cell.length_a   82.452
_cell.length_b   93.695
_cell.length_c   101.466
_cell.angle_alpha   90.00
_cell.angle_beta   90.00
_cell.angle_gamma   90.00
#
_symmetry.space_group_name_H-M   'P 21 21 21'
#
loop_
_entity.id
_entity.type
_entity.pdbx_description
1 polymer 'Glutamate receptor 2'
2 branched beta-D-mannopyranose-(1-4)-2-acetamido-2-deoxy-beta-D-glucopyranose-(1-4)-2-acetamido-2-deoxy-beta-D-glucopyranose
3 non-polymer 2-acetamido-2-deoxy-beta-D-glucopyranose
4 non-polymer 'SULFATE ION'
5 water water
#
_entity_poly.entity_id   1
_entity_poly.type   'polypeptide(L)'
_entity_poly.pdbx_seq_one_letter_code
;NSIQIGGLFPRGADQEYSAFRVGMVQFSTSEFRLTPHIDNLEVANSFAVTNAFCSQFSRGVYAIFGFYDKKSVNTITSFC
GTLHVSFITPSFPTDGTHPFVIQMRPDLKGALLSLIEYYQWDKFAYLYDSDRGLSTLQAVLDSAAEKKWQVTAINVGNIN
NDKKDETYRSLFQDLELKKERRVILDCERDKVNDIVDQVITIGKHVKGYHYIIANLGFTDGDLLKIQFGGANVSGFQIVD
YDDSLVSKFIERWSTLEEKEYPGAHTATIKYTSALTYDAVQVMTEAFRNLRKQRIEISRRGNAGDCLANPAVPWGQGVEI
ERALKQVQVEGLSGNIKFDQNGKRINYTINIMELKTNGPRKIGYWSEVDKMVVTLT
;
_entity_poly.pdbx_strand_id   A,B
#
loop_
_chem_comp.id
_chem_comp.type
_chem_comp.name
_chem_comp.formula
BMA D-saccharide, beta linking beta-D-mannopyranose 'C6 H12 O6'
NAG D-saccharide, beta linking 2-acetamido-2-deoxy-beta-D-glucopyranose 'C8 H15 N O6'
SO4 non-polymer 'SULFATE ION' 'O4 S -2'
#
# COMPACT_ATOMS: atom_id res chain seq x y z
N ASN A 1 2.83 -36.74 18.10
CA ASN A 1 3.17 -35.58 18.93
C ASN A 1 2.29 -34.37 18.60
N SER A 2 2.54 -33.25 19.28
CA SER A 2 1.77 -32.05 19.03
C SER A 2 2.57 -31.09 18.17
N ILE A 3 1.88 -30.40 17.28
CA ILE A 3 2.50 -29.41 16.42
C ILE A 3 1.89 -28.06 16.73
N GLN A 4 2.71 -27.11 17.17
CA GLN A 4 2.24 -25.78 17.52
C GLN A 4 1.95 -24.94 16.28
N ILE A 5 0.77 -24.33 16.23
CA ILE A 5 0.47 -23.38 15.17
C ILE A 5 -0.17 -22.14 15.77
N GLY A 6 -0.09 -21.03 15.04
CA GLY A 6 -0.67 -19.79 15.53
C GLY A 6 -1.98 -19.49 14.83
N GLY A 7 -2.82 -18.67 15.46
CA GLY A 7 -4.07 -18.21 14.87
C GLY A 7 -4.22 -16.72 15.14
N LEU A 8 -4.20 -15.92 14.09
CA LEU A 8 -4.29 -14.47 14.23
C LEU A 8 -5.63 -14.02 13.66
N PHE A 9 -6.61 -13.80 14.54
CA PHE A 9 -7.99 -13.51 14.14
C PHE A 9 -8.37 -12.06 14.40
N PRO A 10 -9.14 -11.46 13.48
CA PRO A 10 -9.69 -10.12 13.72
C PRO A 10 -10.75 -10.18 14.80
N ARG A 11 -10.85 -9.15 15.63
CA ARG A 11 -11.92 -9.09 16.60
C ARG A 11 -13.24 -9.13 15.85
N GLY A 12 -14.15 -10.00 16.27
CA GLY A 12 -15.45 -10.11 15.64
C GLY A 12 -15.55 -11.10 14.49
N ALA A 13 -14.44 -11.74 14.12
CA ALA A 13 -14.47 -12.77 13.08
C ALA A 13 -14.98 -14.07 13.67
N ASP A 14 -16.19 -14.03 14.24
CA ASP A 14 -16.74 -15.16 14.97
C ASP A 14 -17.00 -16.37 14.09
N GLN A 15 -17.66 -16.17 12.95
CA GLN A 15 -17.96 -17.32 12.13
C GLN A 15 -16.68 -17.98 11.66
N GLU A 16 -15.68 -17.17 11.32
CA GLU A 16 -14.43 -17.73 10.82
C GLU A 16 -13.72 -18.56 11.89
N TYR A 17 -13.72 -18.09 13.12
CA TYR A 17 -13.11 -18.87 14.19
C TYR A 17 -13.89 -20.16 14.43
N SER A 18 -15.22 -20.09 14.36
CA SER A 18 -16.00 -21.32 14.50
C SER A 18 -15.64 -22.30 13.39
N ALA A 19 -15.42 -21.78 12.18
CA ALA A 19 -15.08 -22.66 11.08
C ALA A 19 -13.70 -23.28 11.29
N PHE A 20 -12.80 -22.49 11.87
CA PHE A 20 -11.45 -22.97 12.21
C PHE A 20 -11.56 -24.10 13.22
N ARG A 21 -12.34 -23.89 14.28
CA ARG A 21 -12.54 -24.93 15.30
C ARG A 21 -13.17 -26.20 14.73
N VAL A 22 -14.18 -26.03 13.88
CA VAL A 22 -14.84 -27.18 13.26
C VAL A 22 -13.85 -27.93 12.37
N GLY A 23 -12.98 -27.19 11.70
CA GLY A 23 -11.94 -27.82 10.89
C GLY A 23 -10.94 -28.59 11.76
N MET A 24 -10.61 -28.02 12.92
CA MET A 24 -9.64 -28.68 13.80
C MET A 24 -10.16 -30.06 14.23
N VAL A 25 -11.46 -30.14 14.44
CA VAL A 25 -12.09 -31.42 14.81
C VAL A 25 -12.15 -32.36 13.62
N GLN A 26 -12.61 -31.85 12.49
CA GLN A 26 -12.87 -32.69 11.34
C GLN A 26 -11.59 -33.32 10.76
N PHE A 27 -10.49 -32.57 10.79
CA PHE A 27 -9.26 -33.02 10.14
C PHE A 27 -8.25 -33.53 11.16
N SER A 28 -8.70 -33.75 12.39
CA SER A 28 -7.85 -34.33 13.41
C SER A 28 -7.42 -35.73 12.96
N THR A 29 -6.20 -36.11 13.32
CA THR A 29 -5.64 -37.42 12.99
C THR A 29 -4.88 -37.98 14.18
N SER A 30 -4.71 -39.30 14.21
CA SER A 30 -3.98 -39.94 15.29
C SER A 30 -2.47 -39.72 15.18
N GLU A 31 -2.02 -39.25 14.02
CA GLU A 31 -0.59 -39.08 13.76
C GLU A 31 0.04 -37.94 14.56
N PHE A 32 -0.70 -36.85 14.68
CA PHE A 32 -0.21 -35.69 15.43
C PHE A 32 -1.40 -34.84 15.82
N ARG A 33 -1.21 -33.98 16.81
CA ARG A 33 -2.24 -33.04 17.21
C ARG A 33 -1.79 -31.63 16.89
N LEU A 34 -2.64 -30.86 16.21
CA LEU A 34 -2.38 -29.44 16.00
C LEU A 34 -2.75 -28.68 17.25
N THR A 35 -1.80 -27.94 17.81
CA THR A 35 -2.06 -27.20 19.03
C THR A 35 -2.02 -25.72 18.71
N PRO A 36 -3.20 -25.10 18.58
CA PRO A 36 -3.23 -23.69 18.17
C PRO A 36 -3.10 -22.72 19.33
N HIS A 37 -2.40 -21.62 19.08
N HIS A 37 -2.33 -21.66 19.14
CA HIS A 37 -2.31 -20.51 20.01
CA HIS A 37 -2.41 -20.54 20.06
C HIS A 37 -3.00 -19.30 19.37
C HIS A 37 -3.04 -19.37 19.34
N ILE A 38 -4.16 -18.92 19.90
CA ILE A 38 -4.99 -17.91 19.28
C ILE A 38 -4.76 -16.51 19.83
N ASP A 39 -4.69 -15.54 18.93
CA ASP A 39 -4.69 -14.13 19.31
C ASP A 39 -5.83 -13.45 18.58
N ASN A 40 -6.56 -12.59 19.29
CA ASN A 40 -7.59 -11.77 18.68
C ASN A 40 -7.11 -10.33 18.74
N LEU A 41 -7.04 -9.66 17.60
CA LEU A 41 -6.47 -8.31 17.58
C LEU A 41 -7.04 -7.47 16.45
N GLU A 42 -6.69 -6.19 16.44
CA GLU A 42 -7.08 -5.32 15.33
C GLU A 42 -6.06 -5.51 14.24
N VAL A 43 -6.45 -6.21 13.17
CA VAL A 43 -5.51 -6.50 12.09
C VAL A 43 -5.08 -5.27 11.29
N ALA A 44 -5.83 -4.17 11.41
CA ALA A 44 -5.43 -2.93 10.76
C ALA A 44 -4.27 -2.22 11.48
N ASN A 45 -3.87 -2.75 12.64
CA ASN A 45 -2.85 -2.11 13.49
C ASN A 45 -1.52 -2.85 13.36
N SER A 46 -0.58 -2.32 12.58
CA SER A 46 0.66 -3.08 12.30
C SER A 46 1.52 -3.32 13.53
N PHE A 47 1.46 -2.41 14.49
CA PHE A 47 2.14 -2.66 15.77
C PHE A 47 1.56 -3.87 16.48
N ALA A 48 0.23 -3.92 16.58
CA ALA A 48 -0.43 -5.04 17.23
C ALA A 48 -0.16 -6.36 16.52
N VAL A 49 -0.12 -6.30 15.19
CA VAL A 49 0.14 -7.48 14.37
C VAL A 49 1.58 -7.94 14.61
N THR A 50 2.51 -6.99 14.67
CA THR A 50 3.89 -7.31 15.00
C THR A 50 4.00 -7.97 16.37
N ASN A 51 3.32 -7.41 17.36
CA ASN A 51 3.34 -7.99 18.70
CA ASN A 51 3.34 -7.99 18.70
C ASN A 51 2.80 -9.42 18.72
N ALA A 52 1.70 -9.65 18.02
CA ALA A 52 1.11 -10.99 17.95
C ALA A 52 2.03 -11.96 17.21
N PHE A 53 2.57 -11.52 16.09
CA PHE A 53 3.49 -12.34 15.31
C PHE A 53 4.67 -12.76 16.18
N CYS A 54 5.27 -11.80 16.88
CA CYS A 54 6.44 -12.12 17.69
C CYS A 54 6.10 -13.08 18.84
N SER A 55 4.93 -12.90 19.43
CA SER A 55 4.43 -13.80 20.47
CA SER A 55 4.47 -13.80 20.48
C SER A 55 4.38 -15.24 19.96
N GLN A 56 3.77 -15.42 18.80
CA GLN A 56 3.68 -16.75 18.19
C GLN A 56 5.07 -17.32 17.91
N PHE A 57 5.90 -16.50 17.27
CA PHE A 57 7.27 -16.88 16.93
C PHE A 57 7.98 -17.41 18.17
N SER A 58 7.81 -16.71 19.28
CA SER A 58 8.51 -17.09 20.51
C SER A 58 7.97 -18.36 21.13
N ARG A 59 6.72 -18.70 20.81
CA ARG A 59 6.14 -19.96 21.27
C ARG A 59 6.59 -21.10 20.37
N GLY A 60 7.38 -20.79 19.37
CA GLY A 60 7.93 -21.79 18.47
C GLY A 60 6.94 -22.31 17.44
N VAL A 61 5.93 -21.51 17.08
CA VAL A 61 4.91 -22.00 16.15
C VAL A 61 5.53 -22.39 14.83
N TYR A 62 5.02 -23.47 14.24
CA TYR A 62 5.52 -23.94 12.94
C TYR A 62 4.83 -23.31 11.73
N ALA A 63 3.66 -22.71 11.96
CA ALA A 63 2.94 -22.01 10.92
C ALA A 63 1.92 -21.11 11.58
N ILE A 64 1.50 -20.06 10.90
CA ILE A 64 0.46 -19.21 11.45
C ILE A 64 -0.71 -19.10 10.49
N PHE A 65 -1.91 -19.41 10.97
CA PHE A 65 -3.09 -19.10 10.20
C PHE A 65 -3.60 -17.72 10.63
N GLY A 66 -3.92 -16.84 9.68
CA GLY A 66 -4.52 -15.58 10.10
C GLY A 66 -5.01 -14.68 8.99
N PHE A 67 -5.24 -13.42 9.36
CA PHE A 67 -5.79 -12.43 8.46
C PHE A 67 -4.90 -11.20 8.47
N TYR A 68 -4.90 -10.46 7.36
CA TYR A 68 -4.30 -9.14 7.37
C TYR A 68 -5.25 -8.18 6.68
N ASP A 69 -4.88 -6.91 6.65
CA ASP A 69 -5.63 -6.01 5.79
C ASP A 69 -4.67 -5.10 5.05
N LYS A 70 -5.21 -4.11 4.34
CA LYS A 70 -4.34 -3.32 3.49
C LYS A 70 -3.23 -2.64 4.29
N LYS A 71 -3.52 -2.33 5.56
CA LYS A 71 -2.54 -1.61 6.38
C LYS A 71 -1.47 -2.51 6.99
N SER A 72 -1.76 -3.81 7.13
CA SER A 72 -0.82 -4.71 7.80
C SER A 72 -0.20 -5.78 6.91
N VAL A 73 -0.65 -5.86 5.65
CA VAL A 73 -0.16 -6.92 4.77
C VAL A 73 1.36 -6.88 4.62
N ASN A 74 1.93 -5.68 4.58
CA ASN A 74 3.39 -5.57 4.41
C ASN A 74 4.15 -6.02 5.66
N THR A 75 3.58 -5.79 6.84
CA THR A 75 4.18 -6.34 8.06
C THR A 75 4.25 -7.85 8.01
N ILE A 76 3.12 -8.47 7.66
CA ILE A 76 3.07 -9.91 7.55
C ILE A 76 4.04 -10.46 6.52
N THR A 77 4.03 -9.87 5.34
CA THR A 77 4.87 -10.40 4.26
CA THR A 77 4.86 -10.35 4.25
C THR A 77 6.35 -10.25 4.62
N SER A 78 6.72 -9.11 5.19
CA SER A 78 8.11 -8.89 5.55
C SER A 78 8.56 -9.78 6.72
N PHE A 79 7.74 -9.88 7.76
CA PHE A 79 8.10 -10.73 8.89
C PHE A 79 8.13 -12.20 8.49
N CYS A 80 7.14 -12.66 7.73
CA CYS A 80 7.17 -14.04 7.25
C CYS A 80 8.44 -14.34 6.47
N GLY A 81 8.78 -13.44 5.54
CA GLY A 81 9.93 -13.65 4.67
C GLY A 81 11.24 -13.62 5.42
N THR A 82 11.31 -12.76 6.43
CA THR A 82 12.51 -12.62 7.26
C THR A 82 12.72 -13.83 8.16
N LEU A 83 11.66 -14.24 8.86
CA LEU A 83 11.76 -15.31 9.86
C LEU A 83 11.48 -16.71 9.32
N HIS A 84 11.05 -16.79 8.06
CA HIS A 84 10.70 -18.07 7.41
C HIS A 84 9.55 -18.77 8.12
N VAL A 85 8.62 -17.99 8.61
CA VAL A 85 7.43 -18.52 9.24
C VAL A 85 6.30 -18.40 8.23
N SER A 86 5.59 -19.51 7.96
CA SER A 86 4.57 -19.49 6.93
C SER A 86 3.27 -18.94 7.46
N PHE A 87 2.62 -18.07 6.68
CA PHE A 87 1.34 -17.49 7.06
C PHE A 87 0.31 -17.95 6.05
N ILE A 88 -0.70 -18.69 6.52
CA ILE A 88 -1.78 -19.17 5.67
C ILE A 88 -3.01 -18.32 5.94
N THR A 89 -3.63 -17.79 4.90
CA THR A 89 -4.63 -16.75 5.10
C THR A 89 -5.78 -16.78 4.09
N PRO A 90 -6.99 -16.42 4.54
CA PRO A 90 -8.13 -16.23 3.64
C PRO A 90 -8.27 -14.78 3.18
N SER A 91 -7.30 -13.93 3.55
CA SER A 91 -7.37 -12.51 3.20
C SER A 91 -7.11 -12.25 1.72
N PHE A 92 -7.30 -11.00 1.29
CA PHE A 92 -7.16 -10.70 -0.13
C PHE A 92 -5.78 -11.08 -0.66
N PRO A 93 -5.73 -11.65 -1.86
CA PRO A 93 -4.42 -12.05 -2.35
C PRO A 93 -3.63 -10.85 -2.88
N THR A 94 -2.32 -11.02 -2.98
CA THR A 94 -1.50 -9.98 -3.57
C THR A 94 -0.68 -10.56 -4.73
N ASP A 95 -0.24 -9.70 -5.64
CA ASP A 95 0.46 -10.14 -6.84
C ASP A 95 1.98 -10.14 -6.69
N GLY A 96 2.48 -9.43 -5.68
CA GLY A 96 3.91 -9.31 -5.49
C GLY A 96 4.60 -10.62 -5.14
N THR A 97 5.91 -10.54 -4.93
CA THR A 97 6.68 -11.68 -4.48
C THR A 97 6.56 -11.79 -2.98
N HIS A 98 5.83 -12.80 -2.51
CA HIS A 98 5.67 -12.97 -1.08
C HIS A 98 5.96 -14.39 -0.67
N PRO A 99 7.25 -14.75 -0.60
CA PRO A 99 7.59 -16.05 -0.04
C PRO A 99 6.98 -16.14 1.35
N PHE A 100 6.58 -17.34 1.73
CA PHE A 100 6.07 -17.65 3.07
C PHE A 100 4.66 -17.15 3.35
N VAL A 101 3.95 -16.77 2.30
CA VAL A 101 2.54 -16.42 2.44
C VAL A 101 1.75 -17.34 1.52
N ILE A 102 0.83 -18.11 2.10
CA ILE A 102 0.01 -19.04 1.35
C ILE A 102 -1.38 -18.44 1.30
N GLN A 103 -1.83 -18.09 0.10
CA GLN A 103 -3.07 -17.32 -0.03
C GLN A 103 -4.23 -18.22 -0.43
N MET A 104 -5.10 -18.53 0.54
CA MET A 104 -6.22 -19.44 0.30
C MET A 104 -7.24 -18.84 -0.67
N ARG A 105 -7.30 -17.52 -0.74
CA ARG A 105 -8.33 -16.90 -1.59
C ARG A 105 -7.88 -16.77 -3.04
N PRO A 106 -8.63 -17.39 -3.97
CA PRO A 106 -8.28 -17.26 -5.39
C PRO A 106 -8.38 -15.81 -5.87
N ASP A 107 -7.54 -15.45 -6.83
CA ASP A 107 -7.60 -14.15 -7.47
C ASP A 107 -8.87 -14.06 -8.33
N LEU A 108 -9.58 -12.94 -8.20
CA LEU A 108 -10.85 -12.73 -8.88
C LEU A 108 -10.67 -11.90 -10.17
N LYS A 109 -9.52 -11.25 -10.31
CA LYS A 109 -9.34 -10.28 -11.41
C LYS A 109 -9.62 -10.88 -12.79
N GLY A 110 -9.08 -12.06 -13.04
CA GLY A 110 -9.28 -12.70 -14.33
C GLY A 110 -10.74 -13.01 -14.63
N ALA A 111 -11.48 -13.50 -13.63
CA ALA A 111 -12.90 -13.82 -13.84
C ALA A 111 -13.67 -12.54 -14.07
N LEU A 112 -13.30 -11.47 -13.36
CA LEU A 112 -14.00 -10.21 -13.52
C LEU A 112 -13.80 -9.63 -14.93
N LEU A 113 -12.56 -9.59 -15.40
CA LEU A 113 -12.27 -9.13 -16.75
C LEU A 113 -13.01 -9.95 -17.80
N SER A 114 -13.03 -11.27 -17.63
CA SER A 114 -13.75 -12.14 -18.54
C SER A 114 -15.24 -11.88 -18.55
N LEU A 115 -15.80 -11.52 -17.39
CA LEU A 115 -17.24 -11.25 -17.29
C LEU A 115 -17.62 -9.94 -17.98
N ILE A 116 -16.80 -8.91 -17.80
CA ILE A 116 -17.03 -7.65 -18.49
C ILE A 116 -17.08 -7.90 -19.99
N GLU A 117 -16.17 -8.75 -20.48
CA GLU A 117 -16.10 -9.07 -21.90
C GLU A 117 -17.28 -9.90 -22.37
N TYR A 118 -17.74 -10.81 -21.50
CA TYR A 118 -18.89 -11.66 -21.79
C TYR A 118 -20.17 -10.85 -21.98
N TYR A 119 -20.33 -9.81 -21.17
CA TYR A 119 -21.50 -8.95 -21.26
C TYR A 119 -21.31 -7.90 -22.35
N GLN A 120 -20.15 -7.94 -22.99
CA GLN A 120 -19.78 -6.98 -24.03
C GLN A 120 -19.83 -5.52 -23.60
N TRP A 121 -19.49 -5.25 -22.34
CA TRP A 121 -19.41 -3.89 -21.85
C TRP A 121 -18.21 -3.18 -22.48
N ASP A 122 -18.39 -1.94 -22.91
CA ASP A 122 -17.24 -1.15 -23.33
C ASP A 122 -17.21 0.21 -22.64
N LYS A 123 -18.25 0.48 -21.87
CA LYS A 123 -18.36 1.72 -21.12
C LYS A 123 -19.01 1.43 -19.78
N PHE A 124 -18.29 1.72 -18.70
CA PHE A 124 -18.81 1.36 -17.38
C PHE A 124 -18.08 2.07 -16.25
N ALA A 125 -18.67 2.00 -15.06
CA ALA A 125 -18.03 2.57 -13.88
C ALA A 125 -17.43 1.45 -13.04
N TYR A 126 -16.29 1.74 -12.43
CA TYR A 126 -15.67 0.85 -11.45
C TYR A 126 -15.61 1.65 -10.15
N LEU A 127 -16.50 1.34 -9.22
CA LEU A 127 -16.59 2.06 -7.95
C LEU A 127 -15.95 1.18 -6.90
N TYR A 128 -14.85 1.63 -6.31
CA TYR A 128 -14.04 0.69 -5.52
C TYR A 128 -13.51 1.33 -4.25
N ASP A 129 -13.06 0.49 -3.33
CA ASP A 129 -12.19 0.99 -2.25
C ASP A 129 -10.95 0.11 -2.23
N SER A 130 -9.95 0.49 -1.44
CA SER A 130 -8.65 -0.17 -1.49
C SER A 130 -8.55 -1.31 -0.49
N ASP A 131 -9.67 -1.72 0.08
CA ASP A 131 -9.64 -2.69 1.17
C ASP A 131 -9.20 -4.11 0.77
N ARG A 132 -9.25 -4.41 -0.52
N ARG A 132 -9.27 -4.45 -0.51
CA ARG A 132 -8.84 -5.71 -1.05
CA ARG A 132 -8.72 -5.75 -0.95
C ARG A 132 -7.64 -5.58 -2.00
C ARG A 132 -7.66 -5.56 -2.01
N GLY A 133 -6.87 -4.50 -1.85
CA GLY A 133 -5.78 -4.21 -2.76
C GLY A 133 -6.18 -3.32 -3.93
N LEU A 134 -5.19 -2.86 -4.70
CA LEU A 134 -5.48 -2.06 -5.89
C LEU A 134 -5.07 -2.79 -7.18
N SER A 135 -4.73 -4.07 -7.08
CA SER A 135 -4.36 -4.83 -8.27
C SER A 135 -5.55 -4.93 -9.23
N THR A 136 -6.77 -4.99 -8.69
CA THR A 136 -7.94 -5.09 -9.56
C THR A 136 -8.15 -3.78 -10.29
N LEU A 137 -8.01 -2.67 -9.58
CA LEU A 137 -8.02 -1.36 -10.26
C LEU A 137 -7.02 -1.35 -11.42
N GLN A 138 -5.79 -1.77 -11.14
CA GLN A 138 -4.75 -1.71 -12.18
C GLN A 138 -5.11 -2.62 -13.36
N ALA A 139 -5.68 -3.77 -13.06
CA ALA A 139 -6.04 -4.72 -14.11
C ALA A 139 -7.15 -4.18 -15.00
N VAL A 140 -8.14 -3.52 -14.39
CA VAL A 140 -9.23 -2.90 -15.15
C VAL A 140 -8.71 -1.77 -16.04
N LEU A 141 -7.81 -0.95 -15.50
CA LEU A 141 -7.21 0.15 -16.26
C LEU A 141 -6.35 -0.38 -17.42
N ASP A 142 -5.59 -1.44 -17.15
CA ASP A 142 -4.78 -2.07 -18.19
C ASP A 142 -5.65 -2.57 -19.35
N SER A 143 -6.71 -3.30 -19.02
CA SER A 143 -7.62 -3.84 -20.02
C SER A 143 -8.41 -2.75 -20.75
N ALA A 144 -8.73 -1.68 -20.03
CA ALA A 144 -9.48 -0.58 -20.62
C ALA A 144 -8.73 -0.03 -21.82
N ALA A 145 -7.44 0.25 -21.63
CA ALA A 145 -6.59 0.81 -22.67
C ALA A 145 -6.38 -0.15 -23.83
N GLU A 146 -6.36 -1.44 -23.52
CA GLU A 146 -6.17 -2.48 -24.53
C GLU A 146 -7.40 -2.62 -25.42
N LYS A 147 -8.57 -2.70 -24.79
CA LYS A 147 -9.79 -3.01 -25.51
C LYS A 147 -10.64 -1.79 -25.84
N LYS A 148 -10.09 -0.61 -25.58
CA LYS A 148 -10.82 0.63 -25.83
C LYS A 148 -12.10 0.73 -24.99
N TRP A 149 -11.96 0.45 -23.70
CA TRP A 149 -13.05 0.64 -22.75
C TRP A 149 -13.00 2.06 -22.21
N GLN A 150 -14.17 2.65 -21.97
CA GLN A 150 -14.25 3.93 -21.28
C GLN A 150 -14.70 3.65 -19.86
N VAL A 151 -13.77 3.74 -18.93
CA VAL A 151 -14.03 3.37 -17.55
C VAL A 151 -13.99 4.61 -16.66
N THR A 152 -15.02 4.75 -15.83
CA THR A 152 -15.03 5.77 -14.80
C THR A 152 -14.68 5.08 -13.49
N ALA A 153 -13.46 5.32 -13.00
CA ALA A 153 -12.94 4.63 -11.84
C ALA A 153 -12.89 5.55 -10.63
N ILE A 154 -13.78 5.34 -9.67
CA ILE A 154 -13.92 6.28 -8.55
C ILE A 154 -13.73 5.57 -7.22
N ASN A 155 -12.86 6.15 -6.40
CA ASN A 155 -12.55 5.62 -5.07
C ASN A 155 -13.65 6.04 -4.11
N VAL A 156 -14.51 5.12 -3.74
CA VAL A 156 -15.58 5.44 -2.81
C VAL A 156 -15.14 5.24 -1.36
N GLY A 157 -13.90 4.81 -1.16
CA GLY A 157 -13.42 4.44 0.17
C GLY A 157 -13.20 5.60 1.12
N ASN A 158 -13.09 6.81 0.58
CA ASN A 158 -12.80 7.97 1.42
C ASN A 158 -13.99 8.92 1.57
N ILE A 159 -15.16 8.47 1.14
CA ILE A 159 -16.36 9.29 1.20
C ILE A 159 -16.88 9.45 2.63
N ASN A 160 -17.08 10.70 3.04
CA ASN A 160 -17.58 11.01 4.37
C ASN A 160 -19.04 10.64 4.55
N ARG A 181 -25.36 2.97 -17.21
CA ARG A 181 -25.75 2.34 -15.94
C ARG A 181 -25.20 0.95 -15.76
N ARG A 182 -23.99 0.71 -16.28
CA ARG A 182 -23.23 -0.49 -16.00
C ARG A 182 -22.18 -0.17 -14.95
N VAL A 183 -22.23 -0.89 -13.83
CA VAL A 183 -21.48 -0.49 -12.65
C VAL A 183 -20.87 -1.71 -11.99
N ILE A 184 -19.56 -1.68 -11.78
CA ILE A 184 -18.88 -2.69 -10.99
C ILE A 184 -18.68 -2.12 -9.60
N LEU A 185 -19.08 -2.87 -8.59
CA LEU A 185 -18.87 -2.46 -7.20
C LEU A 185 -17.84 -3.36 -6.56
N ASP A 186 -16.70 -2.78 -6.22
CA ASP A 186 -15.60 -3.53 -5.61
C ASP A 186 -15.27 -2.79 -4.33
N CYS A 187 -16.15 -2.92 -3.36
CA CYS A 187 -16.04 -2.14 -2.13
C CYS A 187 -16.63 -2.88 -0.96
N GLU A 188 -16.49 -2.30 0.23
CA GLU A 188 -17.03 -2.89 1.44
C GLU A 188 -18.53 -3.10 1.30
N ARG A 189 -19.05 -4.13 1.96
CA ARG A 189 -20.46 -4.46 1.84
C ARG A 189 -21.37 -3.28 2.23
N ASP A 190 -20.96 -2.53 3.24
CA ASP A 190 -21.73 -1.36 3.67
C ASP A 190 -21.91 -0.35 2.54
N LYS A 191 -20.86 -0.17 1.76
CA LYS A 191 -20.87 0.82 0.69
C LYS A 191 -21.72 0.39 -0.51
N VAL A 192 -21.77 -0.92 -0.75
CA VAL A 192 -22.65 -1.43 -1.80
C VAL A 192 -24.07 -0.96 -1.49
N ASN A 193 -24.50 -1.15 -0.25
CA ASN A 193 -25.85 -0.77 0.16
C ASN A 193 -26.08 0.72 -0.07
N ASP A 194 -25.16 1.53 0.45
CA ASP A 194 -25.26 2.97 0.28
C ASP A 194 -25.35 3.39 -1.18
N ILE A 195 -24.53 2.78 -2.04
CA ILE A 195 -24.52 3.16 -3.45
C ILE A 195 -25.81 2.78 -4.15
N VAL A 196 -26.23 1.53 -3.99
CA VAL A 196 -27.46 1.07 -4.62
C VAL A 196 -28.66 1.85 -4.08
N ASP A 197 -28.70 2.04 -2.77
CA ASP A 197 -29.76 2.84 -2.14
C ASP A 197 -29.87 4.19 -2.82
N GLN A 198 -28.72 4.77 -3.17
CA GLN A 198 -28.71 6.09 -3.80
C GLN A 198 -29.35 6.05 -5.19
N VAL A 199 -29.02 5.02 -5.97
CA VAL A 199 -29.58 4.88 -7.31
C VAL A 199 -31.10 4.75 -7.29
N ILE A 200 -31.61 3.97 -6.34
CA ILE A 200 -33.05 3.78 -6.27
C ILE A 200 -33.71 5.07 -5.79
N THR A 201 -33.01 5.80 -4.93
CA THR A 201 -33.53 7.05 -4.40
C THR A 201 -33.65 8.08 -5.52
N ILE A 202 -32.60 8.24 -6.31
CA ILE A 202 -32.64 9.15 -7.46
C ILE A 202 -33.85 8.86 -8.33
N GLY A 203 -34.18 7.57 -8.48
CA GLY A 203 -35.38 7.16 -9.17
C GLY A 203 -35.33 7.21 -10.69
N LYS A 204 -34.12 7.29 -11.23
CA LYS A 204 -33.96 7.34 -12.69
C LYS A 204 -33.46 6.02 -13.27
N HIS A 205 -34.26 5.42 -14.14
CA HIS A 205 -33.92 4.15 -14.81
C HIS A 205 -33.40 3.06 -13.87
N VAL A 206 -34.03 2.93 -12.71
CA VAL A 206 -33.55 2.01 -11.68
C VAL A 206 -33.38 0.57 -12.19
N LYS A 207 -34.34 0.09 -12.97
CA LYS A 207 -34.30 -1.27 -13.48
C LYS A 207 -33.31 -1.43 -14.63
N GLY A 208 -32.84 -0.31 -15.16
CA GLY A 208 -31.96 -0.34 -16.32
C GLY A 208 -30.49 -0.44 -15.95
N TYR A 209 -30.23 -0.49 -14.65
CA TYR A 209 -28.86 -0.64 -14.17
C TYR A 209 -28.41 -2.10 -14.20
N HIS A 210 -27.11 -2.33 -14.32
CA HIS A 210 -26.56 -3.67 -14.22
C HIS A 210 -25.34 -3.56 -13.33
N TYR A 211 -25.42 -4.17 -12.15
CA TYR A 211 -24.31 -4.18 -11.19
C TYR A 211 -23.54 -5.48 -11.29
N ILE A 212 -22.22 -5.41 -11.28
CA ILE A 212 -21.41 -6.59 -11.05
C ILE A 212 -20.76 -6.41 -9.68
N ILE A 213 -20.99 -7.36 -8.78
CA ILE A 213 -20.46 -7.25 -7.43
C ILE A 213 -19.15 -8.04 -7.38
N ALA A 214 -18.04 -7.33 -7.27
CA ALA A 214 -16.72 -7.96 -7.41
C ALA A 214 -16.22 -8.57 -6.10
N ASN A 215 -16.89 -9.61 -5.63
CA ASN A 215 -16.41 -10.39 -4.49
C ASN A 215 -16.78 -11.85 -4.68
N LEU A 216 -16.24 -12.73 -3.85
CA LEU A 216 -16.43 -14.17 -4.05
C LEU A 216 -17.58 -14.75 -3.25
N GLY A 217 -18.45 -13.89 -2.71
CA GLY A 217 -19.54 -14.34 -1.87
C GLY A 217 -20.91 -13.83 -2.28
N PHE A 218 -21.26 -14.00 -3.55
CA PHE A 218 -22.55 -13.52 -4.06
C PHE A 218 -23.72 -13.91 -3.16
N THR A 219 -23.76 -15.15 -2.71
CA THR A 219 -24.91 -15.62 -1.92
C THR A 219 -24.63 -15.65 -0.42
N ASP A 220 -23.57 -14.98 0.00
CA ASP A 220 -23.24 -15.02 1.40
C ASP A 220 -24.16 -14.03 2.06
N GLY A 221 -25.25 -14.54 2.61
CA GLY A 221 -26.06 -13.71 3.46
C GLY A 221 -26.55 -12.39 2.93
N ASP A 222 -25.81 -11.40 3.39
CA ASP A 222 -26.18 -9.97 3.41
C ASP A 222 -26.42 -9.28 2.05
N LEU A 223 -25.58 -9.59 1.07
CA LEU A 223 -25.61 -8.86 -0.21
C LEU A 223 -27.00 -8.89 -0.85
N LEU A 224 -27.59 -10.07 -0.89
CA LEU A 224 -28.86 -10.21 -1.62
C LEU A 224 -30.10 -9.81 -0.81
N LYS A 225 -29.88 -9.28 0.40
CA LYS A 225 -30.94 -8.66 1.15
C LYS A 225 -31.14 -7.22 0.70
N ILE A 226 -30.21 -6.73 -0.11
CA ILE A 226 -30.31 -5.37 -0.63
C ILE A 226 -31.42 -5.28 -1.68
N GLN A 227 -32.19 -4.20 -1.62
CA GLN A 227 -33.21 -3.95 -2.63
C GLN A 227 -32.56 -3.30 -3.85
N PHE A 228 -32.41 -4.06 -4.93
CA PHE A 228 -31.79 -3.54 -6.15
C PHE A 228 -32.81 -2.92 -7.11
N GLY A 229 -34.08 -2.95 -6.74
CA GLY A 229 -35.14 -2.32 -7.51
C GLY A 229 -35.37 -2.93 -8.89
N GLY A 230 -35.00 -4.20 -9.05
CA GLY A 230 -35.18 -4.88 -10.32
C GLY A 230 -34.03 -4.73 -11.32
N ALA A 231 -32.96 -4.08 -10.89
CA ALA A 231 -31.78 -3.98 -11.73
C ALA A 231 -31.16 -5.38 -11.96
N ASN A 232 -30.40 -5.53 -13.03
CA ASN A 232 -29.59 -6.74 -13.21
C ASN A 232 -28.46 -6.73 -12.20
N VAL A 233 -28.15 -7.90 -11.63
CA VAL A 233 -27.05 -8.03 -10.66
C VAL A 233 -26.29 -9.33 -10.95
N SER A 234 -24.97 -9.23 -11.09
CA SER A 234 -24.16 -10.40 -11.34
C SER A 234 -23.04 -10.46 -10.29
N GLY A 235 -22.46 -11.63 -10.12
CA GLY A 235 -21.37 -11.75 -9.15
C GLY A 235 -20.71 -13.10 -9.25
N PHE A 236 -20.00 -13.47 -8.18
CA PHE A 236 -19.09 -14.61 -8.22
C PHE A 236 -19.26 -15.44 -6.97
N GLN A 237 -18.94 -16.73 -7.06
N GLN A 237 -18.91 -16.72 -7.08
CA GLN A 237 -19.06 -17.61 -5.93
CA GLN A 237 -19.09 -17.67 -5.99
C GLN A 237 -18.01 -18.71 -6.03
C GLN A 237 -17.97 -18.71 -6.05
N ILE A 238 -17.31 -18.95 -4.93
CA ILE A 238 -16.25 -19.95 -4.89
C ILE A 238 -16.71 -21.20 -4.13
N VAL A 239 -17.77 -21.07 -3.35
CA VAL A 239 -18.34 -22.20 -2.65
C VAL A 239 -19.59 -22.67 -3.39
N ASP A 240 -19.57 -23.90 -3.92
CA ASP A 240 -20.65 -24.41 -4.74
C ASP A 240 -21.48 -25.37 -3.91
N TYR A 241 -22.69 -24.94 -3.53
CA TYR A 241 -23.50 -25.75 -2.61
C TYR A 241 -24.06 -27.02 -3.25
N ASP A 242 -23.81 -27.20 -4.54
CA ASP A 242 -24.18 -28.43 -5.22
C ASP A 242 -23.10 -29.50 -5.02
N ASP A 243 -21.92 -29.05 -4.60
CA ASP A 243 -20.82 -29.97 -4.33
C ASP A 243 -21.21 -30.89 -3.18
N SER A 244 -20.95 -32.17 -3.37
CA SER A 244 -21.13 -33.15 -2.31
C SER A 244 -20.43 -32.74 -1.01
N LEU A 245 -19.17 -32.35 -1.10
CA LEU A 245 -18.41 -31.93 0.08
C LEU A 245 -19.13 -30.81 0.83
N VAL A 246 -19.64 -29.84 0.08
CA VAL A 246 -20.25 -28.67 0.68
C VAL A 246 -21.61 -28.99 1.32
N SER A 247 -22.47 -29.69 0.59
CA SER A 247 -23.78 -30.03 1.15
C SER A 247 -23.64 -30.87 2.40
N LYS A 248 -22.71 -31.82 2.39
CA LYS A 248 -22.43 -32.62 3.58
C LYS A 248 -21.97 -31.75 4.74
N PHE A 249 -21.05 -30.82 4.46
CA PHE A 249 -20.60 -29.88 5.47
C PHE A 249 -21.76 -29.06 6.04
N ILE A 250 -22.61 -28.53 5.17
CA ILE A 250 -23.72 -27.68 5.61
C ILE A 250 -24.73 -28.46 6.43
N GLU A 251 -24.94 -29.72 6.06
CA GLU A 251 -25.84 -30.58 6.82
C GLU A 251 -25.45 -30.58 8.29
N ARG A 252 -24.15 -30.58 8.57
CA ARG A 252 -23.67 -30.59 9.95
C ARG A 252 -23.56 -29.18 10.51
N TRP A 253 -23.01 -28.26 9.72
CA TRP A 253 -22.86 -26.89 10.15
C TRP A 253 -24.19 -26.25 10.54
N SER A 254 -25.23 -26.53 9.77
CA SER A 254 -26.54 -25.93 9.96
C SER A 254 -27.21 -26.38 11.25
N THR A 255 -26.68 -27.43 11.87
CA THR A 255 -27.29 -27.97 13.08
C THR A 255 -26.40 -27.82 14.31
N LEU A 256 -25.24 -27.18 14.15
CA LEU A 256 -24.35 -26.93 15.28
C LEU A 256 -24.98 -26.00 16.31
N GLU A 257 -24.59 -26.17 17.56
CA GLU A 257 -25.06 -25.32 18.64
C GLU A 257 -24.44 -23.93 18.51
N GLU A 258 -25.25 -22.95 18.14
CA GLU A 258 -24.76 -21.60 17.91
C GLU A 258 -24.10 -20.99 19.14
N LYS A 259 -24.53 -21.41 20.32
CA LYS A 259 -23.91 -20.99 21.57
C LYS A 259 -22.44 -21.44 21.59
N GLU A 260 -22.22 -22.68 21.17
CA GLU A 260 -20.89 -23.26 21.18
C GLU A 260 -20.07 -22.75 19.99
N TYR A 261 -20.73 -22.59 18.85
CA TYR A 261 -20.06 -22.16 17.62
C TYR A 261 -20.71 -20.93 17.01
N PRO A 262 -20.42 -19.74 17.54
CA PRO A 262 -21.03 -18.53 17.02
C PRO A 262 -20.88 -18.40 15.51
N GLY A 263 -21.93 -17.95 14.84
CA GLY A 263 -21.92 -17.85 13.39
C GLY A 263 -22.35 -19.12 12.68
N ALA A 264 -22.40 -20.23 13.42
CA ALA A 264 -22.83 -21.48 12.82
C ALA A 264 -24.36 -21.60 12.85
N HIS A 265 -24.86 -22.80 12.62
CA HIS A 265 -26.30 -23.02 12.57
C HIS A 265 -26.93 -22.11 11.51
N THR A 266 -26.28 -22.02 10.36
CA THR A 266 -26.77 -21.24 9.22
C THR A 266 -26.80 -22.16 7.99
N ALA A 267 -27.58 -21.76 6.98
CA ALA A 267 -27.72 -22.57 5.77
C ALA A 267 -26.59 -22.31 4.78
N THR A 268 -25.89 -21.20 4.99
CA THR A 268 -24.76 -20.84 4.16
C THR A 268 -23.58 -20.49 5.05
N ILE A 269 -22.40 -20.45 4.45
CA ILE A 269 -21.18 -20.11 5.17
C ILE A 269 -20.50 -19.01 4.36
N LYS A 270 -20.00 -17.98 5.02
CA LYS A 270 -19.28 -16.92 4.30
C LYS A 270 -18.04 -17.52 3.63
N TYR A 271 -17.61 -16.99 2.50
CA TYR A 271 -16.52 -17.67 1.80
C TYR A 271 -15.21 -17.60 2.61
N THR A 272 -15.03 -16.54 3.39
CA THR A 272 -13.85 -16.41 4.25
C THR A 272 -13.87 -17.50 5.32
N SER A 273 -15.06 -17.82 5.83
CA SER A 273 -15.16 -18.93 6.78
C SER A 273 -14.87 -20.28 6.09
N ALA A 274 -15.36 -20.45 4.87
CA ALA A 274 -15.09 -21.69 4.13
C ALA A 274 -13.60 -21.84 3.87
N LEU A 275 -12.94 -20.73 3.54
CA LEU A 275 -11.50 -20.77 3.29
C LEU A 275 -10.70 -21.05 4.56
N THR A 276 -11.26 -20.64 5.70
CA THR A 276 -10.63 -20.87 7.00
C THR A 276 -10.67 -22.36 7.33
N TYR A 277 -11.83 -22.98 7.12
CA TYR A 277 -11.97 -24.42 7.28
C TYR A 277 -11.02 -25.14 6.31
N ASP A 278 -10.97 -24.68 5.06
CA ASP A 278 -10.10 -25.30 4.08
C ASP A 278 -8.64 -25.15 4.48
N ALA A 279 -8.31 -24.01 5.07
CA ALA A 279 -6.94 -23.79 5.52
C ALA A 279 -6.48 -24.83 6.56
N VAL A 280 -7.40 -25.23 7.43
CA VAL A 280 -7.07 -26.26 8.42
C VAL A 280 -6.78 -27.60 7.69
N GLN A 281 -7.59 -27.93 6.69
CA GLN A 281 -7.31 -29.08 5.85
C GLN A 281 -5.92 -29.00 5.20
N VAL A 282 -5.60 -27.85 4.62
CA VAL A 282 -4.30 -27.65 3.96
C VAL A 282 -3.15 -27.81 4.95
N MET A 283 -3.26 -27.18 6.12
CA MET A 283 -2.19 -27.28 7.12
C MET A 283 -1.98 -28.72 7.57
N THR A 284 -3.08 -29.41 7.85
CA THR A 284 -3.02 -30.81 8.28
C THR A 284 -2.33 -31.66 7.21
N GLU A 285 -2.71 -31.44 5.96
CA GLU A 285 -2.14 -32.23 4.88
C GLU A 285 -0.65 -31.96 4.73
N ALA A 286 -0.26 -30.70 4.87
CA ALA A 286 1.15 -30.36 4.77
C ALA A 286 1.96 -31.10 5.84
N PHE A 287 1.47 -31.07 7.07
CA PHE A 287 2.23 -31.69 8.16
C PHE A 287 2.25 -33.21 8.04
N ARG A 288 1.17 -33.80 7.50
CA ARG A 288 1.17 -35.21 7.20
C ARG A 288 2.25 -35.54 6.18
N ASN A 289 2.36 -34.71 5.14
CA ASN A 289 3.34 -34.94 4.09
C ASN A 289 4.77 -34.77 4.57
N LEU A 290 5.00 -33.76 5.42
CA LEU A 290 6.32 -33.60 6.03
C LEU A 290 6.68 -34.83 6.85
N ARG A 291 5.73 -35.33 7.64
CA ARG A 291 5.95 -36.52 8.45
C ARG A 291 6.35 -37.70 7.55
N LYS A 292 5.68 -37.82 6.41
CA LYS A 292 5.99 -38.89 5.45
C LYS A 292 7.42 -38.78 4.89
N GLN A 293 7.93 -37.56 4.83
CA GLN A 293 9.28 -37.35 4.31
C GLN A 293 10.34 -37.32 5.42
N ARG A 294 9.90 -37.57 6.63
CA ARG A 294 10.78 -37.59 7.81
C ARG A 294 11.41 -36.24 8.13
N ILE A 295 10.73 -35.18 7.72
CA ILE A 295 11.19 -33.83 8.04
C ILE A 295 10.68 -33.41 9.42
N GLU A 296 11.60 -33.10 10.33
CA GLU A 296 11.25 -32.84 11.72
C GLU A 296 10.34 -31.62 11.89
N ILE A 297 9.22 -31.83 12.58
CA ILE A 297 8.24 -30.78 12.86
C ILE A 297 7.78 -30.85 14.31
N SER A 298 8.55 -31.54 15.14
CA SER A 298 8.16 -31.79 16.53
C SER A 298 8.08 -30.51 17.39
N ARG A 299 9.24 -29.91 17.66
CA ARG A 299 9.29 -28.75 18.54
C ARG A 299 10.57 -27.94 18.31
N ARG A 300 10.43 -26.65 18.06
CA ARG A 300 11.58 -25.76 17.90
C ARG A 300 12.32 -25.59 19.22
N GLY A 301 13.66 -25.59 19.16
CA GLY A 301 14.48 -25.49 20.34
C GLY A 301 14.48 -24.11 20.97
N ASN A 302 15.44 -23.28 20.55
CA ASN A 302 15.58 -21.94 21.12
C ASN A 302 15.43 -20.85 20.07
N ALA A 303 14.34 -20.09 20.16
CA ALA A 303 14.10 -18.97 19.27
C ALA A 303 14.56 -17.67 19.93
N GLY A 304 15.48 -16.97 19.27
CA GLY A 304 16.04 -15.75 19.83
C GLY A 304 15.04 -14.60 19.88
N ASP A 305 15.55 -13.38 19.96
CA ASP A 305 14.69 -12.22 19.91
C ASP A 305 14.00 -12.20 18.55
N CYS A 306 12.70 -11.93 18.56
CA CYS A 306 11.93 -11.86 17.32
C CYS A 306 12.50 -10.76 16.45
N LEU A 307 12.89 -9.66 17.08
CA LEU A 307 13.38 -8.51 16.34
C LEU A 307 14.91 -8.48 16.33
N ALA A 308 15.51 -9.62 15.97
CA ALA A 308 16.95 -9.71 15.83
C ALA A 308 17.33 -9.43 14.37
N ASN A 309 18.34 -8.58 14.19
CA ASN A 309 18.78 -8.21 12.86
C ASN A 309 20.30 -8.28 12.78
N PRO A 310 20.83 -9.15 11.91
CA PRO A 310 20.04 -10.02 11.02
C PRO A 310 19.27 -11.11 11.77
N ALA A 311 18.23 -11.64 11.12
CA ALA A 311 17.48 -12.75 11.69
C ALA A 311 18.27 -14.03 11.51
N VAL A 312 17.99 -15.01 12.36
CA VAL A 312 18.64 -16.32 12.23
C VAL A 312 17.89 -17.20 11.24
N PRO A 313 18.63 -17.87 10.34
CA PRO A 313 18.03 -18.75 9.34
C PRO A 313 17.44 -20.02 9.97
N TRP A 314 16.12 -20.10 10.04
CA TRP A 314 15.44 -21.30 10.51
C TRP A 314 15.25 -22.28 9.36
N GLY A 315 16.01 -23.37 9.38
CA GLY A 315 16.02 -24.33 8.29
C GLY A 315 14.73 -25.04 7.95
N GLN A 316 13.98 -25.49 8.96
CA GLN A 316 12.76 -26.23 8.68
C GLN A 316 11.75 -25.36 7.96
N GLY A 317 11.83 -24.05 8.21
CA GLY A 317 10.84 -23.14 7.66
C GLY A 317 10.68 -23.27 6.15
N VAL A 318 11.79 -23.41 5.44
CA VAL A 318 11.74 -23.52 3.99
C VAL A 318 10.96 -24.78 3.58
N GLU A 319 11.20 -25.90 4.25
CA GLU A 319 10.46 -27.13 3.92
C GLU A 319 8.98 -27.06 4.27
N ILE A 320 8.65 -26.41 5.38
CA ILE A 320 7.24 -26.24 5.76
C ILE A 320 6.51 -25.39 4.73
N GLU A 321 7.16 -24.33 4.28
CA GLU A 321 6.58 -23.48 3.23
C GLU A 321 6.39 -24.31 1.96
N ARG A 322 7.40 -25.09 1.60
CA ARG A 322 7.31 -25.90 0.41
C ARG A 322 6.15 -26.91 0.51
N ALA A 323 6.02 -27.54 1.68
CA ALA A 323 4.97 -28.52 1.88
C ALA A 323 3.57 -27.89 1.79
N LEU A 324 3.39 -26.73 2.42
CA LEU A 324 2.09 -26.06 2.34
C LEU A 324 1.73 -25.75 0.87
N LYS A 325 2.69 -25.22 0.11
CA LYS A 325 2.46 -24.88 -1.30
C LYS A 325 2.29 -26.09 -2.21
N GLN A 326 2.67 -27.26 -1.72
CA GLN A 326 2.63 -28.48 -2.52
C GLN A 326 1.31 -29.21 -2.31
N VAL A 327 0.56 -28.81 -1.28
CA VAL A 327 -0.68 -29.49 -0.95
C VAL A 327 -1.70 -29.49 -2.10
N GLN A 328 -2.34 -30.64 -2.33
CA GLN A 328 -3.48 -30.68 -3.24
C GLN A 328 -4.60 -31.41 -2.53
N VAL A 329 -5.71 -30.70 -2.29
CA VAL A 329 -6.89 -31.30 -1.67
C VAL A 329 -8.13 -30.64 -2.25
N GLU A 330 -9.27 -31.31 -2.10
CA GLU A 330 -10.54 -30.71 -2.47
C GLU A 330 -11.22 -30.23 -1.20
N GLY A 331 -11.71 -28.99 -1.21
CA GLY A 331 -12.35 -28.46 -0.03
C GLY A 331 -13.64 -27.75 -0.38
N LEU A 332 -14.13 -26.96 0.57
CA LEU A 332 -15.35 -26.21 0.34
C LEU A 332 -15.18 -25.21 -0.81
N SER A 333 -13.96 -24.70 -0.99
CA SER A 333 -13.71 -23.77 -2.09
C SER A 333 -13.24 -24.48 -3.33
N GLY A 334 -13.54 -25.77 -3.43
CA GLY A 334 -13.22 -26.51 -4.63
C GLY A 334 -11.83 -27.11 -4.60
N ASN A 335 -11.23 -27.25 -5.79
CA ASN A 335 -9.89 -27.82 -5.87
C ASN A 335 -8.86 -26.81 -5.40
N ILE A 336 -8.05 -27.23 -4.44
CA ILE A 336 -7.03 -26.39 -3.84
C ILE A 336 -5.67 -26.84 -4.29
N LYS A 337 -4.93 -25.93 -4.92
CA LYS A 337 -3.59 -26.19 -5.40
C LYS A 337 -2.92 -24.82 -5.47
N PHE A 338 -1.61 -24.78 -5.23
CA PHE A 338 -0.88 -23.52 -5.20
C PHE A 338 0.29 -23.51 -6.16
N ASP A 339 0.65 -22.33 -6.64
CA ASP A 339 1.92 -22.17 -7.35
C ASP A 339 3.04 -21.84 -6.36
N GLN A 340 4.25 -21.61 -6.88
CA GLN A 340 5.42 -21.40 -6.04
C GLN A 340 5.38 -20.12 -5.24
N ASN A 341 4.47 -19.22 -5.59
CA ASN A 341 4.30 -17.97 -4.86
CA ASN A 341 4.32 -17.98 -4.83
C ASN A 341 3.12 -18.02 -3.90
N GLY A 342 2.61 -19.23 -3.65
CA GLY A 342 1.51 -19.40 -2.70
C GLY A 342 0.16 -18.91 -3.22
N LYS A 343 0.02 -18.80 -4.54
CA LYS A 343 -1.24 -18.35 -5.12
C LYS A 343 -2.08 -19.56 -5.55
N ARG A 344 -3.38 -19.51 -5.33
CA ARG A 344 -4.27 -20.60 -5.80
C ARG A 344 -4.17 -20.74 -7.31
N ILE A 345 -4.07 -21.98 -7.78
CA ILE A 345 -4.14 -22.25 -9.22
C ILE A 345 -5.09 -23.42 -9.47
N ASN A 346 -5.56 -23.58 -10.68
CA ASN A 346 -6.41 -24.72 -11.02
C ASN A 346 -7.72 -24.64 -10.25
N TYR A 347 -8.19 -23.45 -9.97
CA TYR A 347 -9.46 -23.30 -9.27
C TYR A 347 -10.54 -22.91 -10.27
N THR A 348 -11.78 -22.88 -9.80
CA THR A 348 -12.91 -22.51 -10.64
C THR A 348 -13.73 -21.50 -9.86
N ILE A 349 -14.18 -20.45 -10.56
CA ILE A 349 -15.09 -19.48 -9.94
C ILE A 349 -16.43 -19.55 -10.65
N ASN A 350 -17.51 -19.68 -9.90
CA ASN A 350 -18.83 -19.75 -10.52
C ASN A 350 -19.35 -18.34 -10.76
N ILE A 351 -19.91 -18.12 -11.94
CA ILE A 351 -20.47 -16.82 -12.31
C ILE A 351 -21.97 -16.87 -12.03
N MET A 352 -22.46 -15.91 -11.24
CA MET A 352 -23.85 -15.92 -10.80
C MET A 352 -24.62 -14.70 -11.28
N GLU A 353 -25.92 -14.87 -11.52
CA GLU A 353 -26.80 -13.74 -11.75
C GLU A 353 -27.99 -13.83 -10.79
N LEU A 354 -28.51 -12.68 -10.38
CA LEU A 354 -29.75 -12.64 -9.60
C LEU A 354 -30.93 -12.72 -10.58
N LYS A 355 -31.54 -13.89 -10.67
CA LYS A 355 -32.69 -14.07 -11.54
C LYS A 355 -33.97 -13.77 -10.74
N THR A 356 -35.10 -13.68 -11.41
CA THR A 356 -36.34 -13.32 -10.73
C THR A 356 -36.64 -14.34 -9.62
N ASN A 357 -36.21 -15.58 -9.83
CA ASN A 357 -36.40 -16.65 -8.86
C ASN A 357 -35.41 -16.61 -7.70
N GLY A 358 -34.23 -16.04 -7.93
CA GLY A 358 -33.13 -16.07 -6.98
C GLY A 358 -31.81 -16.17 -7.72
N PRO A 359 -30.69 -16.22 -6.97
CA PRO A 359 -29.37 -16.35 -7.60
C PRO A 359 -29.22 -17.66 -8.36
N ARG A 360 -28.66 -17.59 -9.56
CA ARG A 360 -28.44 -18.78 -10.37
C ARG A 360 -27.06 -18.77 -10.99
N LYS A 361 -26.47 -19.95 -11.12
CA LYS A 361 -25.18 -20.08 -11.79
C LYS A 361 -25.38 -20.04 -13.29
N ILE A 362 -24.72 -19.10 -13.95
CA ILE A 362 -24.84 -19.02 -15.41
C ILE A 362 -23.64 -19.62 -16.14
N GLY A 363 -22.55 -19.84 -15.40
CA GLY A 363 -21.34 -20.40 -15.99
C GLY A 363 -20.21 -20.43 -14.97
N TYR A 364 -18.99 -20.74 -15.41
CA TYR A 364 -17.85 -20.70 -14.51
C TYR A 364 -16.64 -20.16 -15.24
N TRP A 365 -15.59 -19.88 -14.49
CA TRP A 365 -14.35 -19.36 -15.03
C TRP A 365 -13.22 -20.18 -14.46
N SER A 366 -12.29 -20.60 -15.32
CA SER A 366 -11.04 -21.18 -14.85
C SER A 366 -9.90 -20.54 -15.65
N GLU A 367 -8.68 -20.68 -15.15
CA GLU A 367 -7.52 -20.09 -15.82
C GLU A 367 -7.43 -20.54 -17.29
N VAL A 368 -7.58 -21.84 -17.51
CA VAL A 368 -7.35 -22.41 -18.83
C VAL A 368 -8.44 -22.11 -19.86
N ASP A 369 -9.71 -22.12 -19.44
CA ASP A 369 -10.81 -21.92 -20.38
C ASP A 369 -11.49 -20.55 -20.34
N LYS A 370 -11.11 -19.72 -19.39
CA LYS A 370 -11.78 -18.45 -19.14
C LYS A 370 -13.26 -18.68 -18.84
N MET A 371 -14.15 -17.90 -19.45
CA MET A 371 -15.57 -18.02 -19.10
C MET A 371 -16.35 -19.00 -19.96
N VAL A 372 -17.00 -19.94 -19.30
CA VAL A 372 -17.74 -20.99 -19.97
C VAL A 372 -19.20 -20.96 -19.52
N VAL A 373 -20.11 -20.79 -20.47
CA VAL A 373 -21.52 -20.67 -20.15
C VAL A 373 -22.16 -22.02 -19.77
N THR A 374 -23.10 -21.95 -18.83
CA THR A 374 -23.85 -23.13 -18.37
C THR A 374 -22.99 -24.03 -17.49
N ASN B 1 22.53 23.22 25.67
CA ASN B 1 22.12 21.83 25.91
C ASN B 1 21.89 21.10 24.59
N SER B 2 21.69 19.79 24.68
CA SER B 2 21.51 18.97 23.49
C SER B 2 20.32 18.01 23.64
N ILE B 3 19.70 17.69 22.51
CA ILE B 3 18.56 16.78 22.49
C ILE B 3 18.88 15.68 21.50
N GLN B 4 18.70 14.42 21.90
CA GLN B 4 19.01 13.29 21.04
C GLN B 4 17.88 13.02 20.03
N ILE B 5 18.23 12.81 18.76
CA ILE B 5 17.24 12.46 17.76
C ILE B 5 17.72 11.27 16.94
N GLY B 6 16.78 10.56 16.31
CA GLY B 6 17.14 9.49 15.40
C GLY B 6 17.15 10.00 13.97
N GLY B 7 17.95 9.37 13.13
CA GLY B 7 17.96 9.69 11.70
C GLY B 7 18.04 8.39 10.92
N LEU B 8 16.97 8.07 10.20
CA LEU B 8 16.86 6.81 9.46
C LEU B 8 16.87 7.07 7.96
N PHE B 9 17.99 6.72 7.33
CA PHE B 9 18.27 7.07 5.94
C PHE B 9 18.33 5.84 5.03
N PRO B 10 17.63 5.93 3.88
CA PRO B 10 17.64 4.83 2.93
C PRO B 10 18.96 4.79 2.19
N ARG B 11 19.31 3.63 1.68
CA ARG B 11 20.47 3.51 0.81
C ARG B 11 20.21 4.39 -0.39
N GLY B 12 21.19 5.19 -0.79
CA GLY B 12 21.05 6.06 -1.95
C GLY B 12 20.54 7.46 -1.65
N ALA B 13 20.33 7.75 -0.36
CA ALA B 13 19.90 9.10 0.01
C ALA B 13 21.13 9.86 0.46
N ASP B 14 22.17 9.82 -0.38
CA ASP B 14 23.45 10.45 -0.05
C ASP B 14 23.34 11.95 0.07
N GLN B 15 22.71 12.59 -0.93
CA GLN B 15 22.62 14.06 -0.88
C GLN B 15 21.73 14.50 0.28
N GLU B 16 20.68 13.72 0.57
CA GLU B 16 19.80 14.09 1.69
C GLU B 16 20.58 14.03 3.00
N TYR B 17 21.45 13.03 3.15
CA TYR B 17 22.28 12.98 4.34
C TYR B 17 23.26 14.17 4.42
N SER B 18 23.84 14.56 3.28
CA SER B 18 24.70 15.73 3.28
C SER B 18 23.92 16.97 3.70
N ALA B 19 22.70 17.09 3.19
CA ALA B 19 21.86 18.22 3.54
C ALA B 19 21.52 18.22 5.03
N PHE B 20 21.28 17.03 5.57
CA PHE B 20 21.01 16.85 7.00
C PHE B 20 22.22 17.33 7.82
N ARG B 21 23.41 16.87 7.45
CA ARG B 21 24.62 17.29 8.17
C ARG B 21 24.86 18.80 8.08
N VAL B 22 24.66 19.37 6.89
CA VAL B 22 24.81 20.81 6.72
C VAL B 22 23.78 21.59 7.55
N GLY B 23 22.56 21.07 7.60
CA GLY B 23 21.52 21.65 8.44
C GLY B 23 21.91 21.64 9.92
N MET B 24 22.48 20.53 10.36
CA MET B 24 22.88 20.42 11.77
C MET B 24 23.91 21.49 12.12
N VAL B 25 24.81 21.78 11.19
CA VAL B 25 25.80 22.84 11.43
C VAL B 25 25.13 24.20 11.40
N GLN B 26 24.34 24.46 10.37
CA GLN B 26 23.71 25.76 10.19
C GLN B 26 22.86 26.17 11.38
N PHE B 27 22.07 25.23 11.89
CA PHE B 27 21.05 25.56 12.88
C PHE B 27 21.46 25.31 14.32
N SER B 28 22.66 24.76 14.52
CA SER B 28 23.16 24.61 15.88
C SER B 28 23.57 25.96 16.41
N THR B 29 23.56 26.11 17.73
CA THR B 29 24.13 27.30 18.37
C THR B 29 24.96 26.86 19.55
N SER B 30 25.67 27.79 20.16
CA SER B 30 26.47 27.45 21.34
C SER B 30 25.55 27.08 22.50
N GLU B 31 24.27 27.42 22.39
CA GLU B 31 23.32 27.23 23.48
C GLU B 31 22.41 26.03 23.30
N PHE B 32 22.26 25.58 22.05
CA PHE B 32 21.43 24.42 21.79
C PHE B 32 21.81 23.69 20.50
N ARG B 33 21.85 22.36 20.56
CA ARG B 33 22.13 21.55 19.38
C ARG B 33 21.37 20.23 19.44
N LEU B 34 21.17 19.64 18.27
CA LEU B 34 20.61 18.30 18.16
C LEU B 34 21.75 17.28 18.08
N THR B 35 21.58 16.13 18.71
CA THR B 35 22.56 15.05 18.64
C THR B 35 21.93 13.85 17.94
N PRO B 36 22.26 13.67 16.67
CA PRO B 36 21.59 12.60 15.90
C PRO B 36 22.28 11.25 16.03
N HIS B 37 21.48 10.20 15.91
CA HIS B 37 21.98 8.83 15.84
C HIS B 37 21.46 8.24 14.54
N ILE B 38 22.39 7.94 13.63
CA ILE B 38 22.04 7.63 12.25
C ILE B 38 22.04 6.12 11.97
N ASP B 39 20.94 5.61 11.44
CA ASP B 39 20.86 4.22 11.01
C ASP B 39 20.60 4.20 9.52
N ASN B 40 21.17 3.24 8.80
CA ASN B 40 20.98 3.22 7.35
C ASN B 40 20.30 1.94 6.93
N LEU B 41 19.10 2.05 6.35
CA LEU B 41 18.22 0.87 6.21
C LEU B 41 17.53 0.75 4.85
N GLU B 42 17.07 -0.46 4.55
CA GLU B 42 16.28 -0.73 3.36
C GLU B 42 14.84 -0.33 3.67
N VAL B 43 14.43 0.85 3.22
CA VAL B 43 13.11 1.36 3.57
C VAL B 43 11.95 0.52 3.02
N ALA B 44 12.21 -0.25 1.97
CA ALA B 44 11.15 -1.11 1.42
C ALA B 44 10.86 -2.35 2.28
N ASN B 45 11.70 -2.60 3.28
CA ASN B 45 11.62 -3.83 4.07
C ASN B 45 11.04 -3.48 5.45
N SER B 46 9.78 -3.85 5.68
CA SER B 46 9.10 -3.41 6.89
C SER B 46 9.72 -4.00 8.15
N PHE B 47 10.28 -5.20 8.04
CA PHE B 47 10.95 -5.81 9.19
C PHE B 47 12.17 -4.93 9.58
N ALA B 48 12.94 -4.52 8.58
CA ALA B 48 14.14 -3.71 8.83
C ALA B 48 13.76 -2.32 9.35
N VAL B 49 12.67 -1.76 8.83
CA VAL B 49 12.19 -0.47 9.28
C VAL B 49 11.71 -0.56 10.74
N THR B 50 11.03 -1.66 11.06
CA THR B 50 10.60 -1.88 12.43
C THR B 50 11.80 -1.94 13.33
N ASN B 51 12.83 -2.68 12.92
CA ASN B 51 14.04 -2.80 13.75
CA ASN B 51 14.01 -2.81 13.76
C ASN B 51 14.67 -1.45 14.00
N ALA B 52 14.77 -0.65 12.95
CA ALA B 52 15.42 0.66 13.07
C ALA B 52 14.64 1.61 13.97
N PHE B 53 13.33 1.66 13.77
CA PHE B 53 12.47 2.55 14.52
C PHE B 53 12.53 2.15 15.98
N CYS B 54 12.45 0.86 16.24
CA CYS B 54 12.41 0.38 17.62
C CYS B 54 13.73 0.60 18.33
N SER B 55 14.83 0.49 17.60
CA SER B 55 16.13 0.75 18.20
CA SER B 55 16.15 0.76 18.17
C SER B 55 16.26 2.22 18.61
N GLN B 56 15.70 3.12 17.81
CA GLN B 56 15.69 4.55 18.17
C GLN B 56 14.81 4.82 19.38
N PHE B 57 13.62 4.22 19.39
CA PHE B 57 12.73 4.26 20.55
C PHE B 57 13.48 3.80 21.79
N SER B 58 14.24 2.72 21.66
CA SER B 58 15.00 2.15 22.78
C SER B 58 16.02 3.14 23.32
N ARG B 59 16.69 3.83 22.41
CA ARG B 59 17.74 4.78 22.80
C ARG B 59 17.17 5.99 23.55
N GLY B 60 15.89 6.27 23.34
CA GLY B 60 15.23 7.36 24.04
C GLY B 60 15.36 8.71 23.37
N VAL B 61 15.00 8.78 22.10
CA VAL B 61 15.12 10.00 21.31
C VAL B 61 13.87 10.86 21.40
N TYR B 62 14.04 12.16 21.18
CA TYR B 62 12.94 13.11 21.19
C TYR B 62 12.11 13.02 19.91
N ALA B 63 12.77 12.64 18.83
CA ALA B 63 12.08 12.49 17.55
C ALA B 63 12.94 11.64 16.63
N ILE B 64 12.31 11.09 15.60
CA ILE B 64 13.04 10.36 14.59
C ILE B 64 12.81 11.08 13.26
N PHE B 65 13.89 11.50 12.61
CA PHE B 65 13.82 11.96 11.24
C PHE B 65 14.08 10.78 10.33
N GLY B 66 13.25 10.58 9.33
CA GLY B 66 13.51 9.48 8.43
C GLY B 66 12.63 9.43 7.20
N PHE B 67 12.70 8.28 6.53
CA PHE B 67 12.00 8.08 5.27
C PHE B 67 11.16 6.80 5.33
N TYR B 68 10.13 6.72 4.49
CA TYR B 68 9.41 5.46 4.30
C TYR B 68 9.06 5.30 2.83
N ASP B 69 8.56 4.12 2.46
CA ASP B 69 7.98 4.04 1.12
C ASP B 69 6.62 3.40 1.21
N LYS B 70 6.04 3.09 0.06
CA LYS B 70 4.69 2.53 0.01
C LYS B 70 4.56 1.30 0.90
N LYS B 71 5.62 0.48 0.93
CA LYS B 71 5.56 -0.79 1.65
C LYS B 71 5.75 -0.63 3.15
N SER B 72 6.39 0.45 3.59
CA SER B 72 6.72 0.62 5.01
C SER B 72 6.01 1.76 5.73
N VAL B 73 5.23 2.55 4.99
CA VAL B 73 4.58 3.70 5.61
C VAL B 73 3.64 3.27 6.76
N ASN B 74 2.96 2.13 6.63
CA ASN B 74 2.09 1.68 7.71
C ASN B 74 2.84 1.26 8.98
N THR B 75 4.02 0.71 8.81
CA THR B 75 4.87 0.44 9.97
C THR B 75 5.16 1.75 10.72
N ILE B 76 5.57 2.77 9.99
CA ILE B 76 5.92 4.05 10.62
C ILE B 76 4.72 4.67 11.33
N THR B 77 3.59 4.76 10.62
CA THR B 77 2.43 5.40 11.22
C THR B 77 1.90 4.62 12.43
N SER B 78 1.87 3.30 12.34
CA SER B 78 1.37 2.52 13.47
C SER B 78 2.34 2.58 14.65
N PHE B 79 3.64 2.47 14.39
CA PHE B 79 4.60 2.52 15.49
C PHE B 79 4.71 3.90 16.15
N CYS B 80 4.73 4.96 15.36
N CYS B 80 4.73 4.95 15.34
CA CYS B 80 4.83 6.27 15.98
CA CYS B 80 4.72 6.32 15.86
C CYS B 80 3.52 6.65 16.70
C CYS B 80 3.53 6.52 16.75
N GLY B 81 2.37 6.17 16.20
CA GLY B 81 1.11 6.39 16.87
C GLY B 81 0.97 5.60 18.16
N THR B 82 1.53 4.40 18.18
CA THR B 82 1.46 3.55 19.36
C THR B 82 2.47 3.94 20.42
N LEU B 83 3.72 4.14 20.01
CA LEU B 83 4.78 4.42 20.97
C LEU B 83 4.85 5.88 21.39
N HIS B 84 4.19 6.75 20.62
CA HIS B 84 4.11 8.18 20.88
C HIS B 84 5.46 8.85 20.76
N VAL B 85 6.12 8.55 19.63
CA VAL B 85 7.40 9.15 19.27
C VAL B 85 7.19 9.82 17.92
N SER B 86 7.53 11.10 17.83
CA SER B 86 7.28 11.85 16.61
C SER B 86 8.26 11.47 15.50
N PHE B 87 7.73 11.35 14.27
CA PHE B 87 8.54 11.02 13.11
C PHE B 87 8.36 12.16 12.10
N ILE B 88 9.47 12.76 11.70
CA ILE B 88 9.46 13.89 10.76
C ILE B 88 10.13 13.42 9.47
N THR B 89 9.50 13.69 8.32
CA THR B 89 9.91 12.99 7.10
C THR B 89 9.71 13.83 5.85
N PRO B 90 10.59 13.65 4.87
CA PRO B 90 10.34 14.26 3.55
C PRO B 90 9.62 13.33 2.58
N SER B 91 9.16 12.17 3.05
CA SER B 91 8.55 11.18 2.17
C SER B 91 7.15 11.59 1.73
N PHE B 92 6.56 10.83 0.81
CA PHE B 92 5.25 11.19 0.27
CA PHE B 92 5.26 11.18 0.28
C PHE B 92 4.25 11.30 1.42
N PRO B 93 3.44 12.38 1.42
CA PRO B 93 2.48 12.55 2.52
C PRO B 93 1.33 11.55 2.42
N THR B 94 0.81 11.13 3.56
CA THR B 94 -0.23 10.09 3.55
C THR B 94 -1.58 10.73 3.28
N ASP B 95 -2.43 10.02 2.57
CA ASP B 95 -3.75 10.53 2.21
C ASP B 95 -4.62 10.81 3.44
N GLY B 96 -4.55 9.92 4.43
CA GLY B 96 -5.34 10.07 5.63
C GLY B 96 -4.62 10.76 6.78
N THR B 97 -5.24 10.73 7.96
CA THR B 97 -4.71 11.35 9.17
C THR B 97 -3.96 10.37 10.08
N HIS B 98 -2.87 10.86 10.65
N HIS B 98 -2.81 10.79 10.60
CA HIS B 98 -1.90 10.08 11.39
CA HIS B 98 -2.00 9.94 11.47
C HIS B 98 -1.31 10.96 12.49
C HIS B 98 -1.18 10.73 12.46
N PRO B 99 -1.47 10.56 13.75
CA PRO B 99 -0.80 11.33 14.81
C PRO B 99 0.69 10.99 14.89
N PHE B 100 1.48 11.93 15.40
CA PHE B 100 2.91 11.74 15.62
C PHE B 100 3.70 11.65 14.32
N VAL B 101 3.11 12.14 13.24
CA VAL B 101 3.83 12.26 11.96
C VAL B 101 3.84 13.70 11.48
N ILE B 102 5.05 14.20 11.20
CA ILE B 102 5.22 15.54 10.65
C ILE B 102 5.68 15.39 9.20
N GLN B 103 4.85 15.82 8.26
CA GLN B 103 5.11 15.62 6.84
C GLN B 103 5.71 16.88 6.26
N MET B 104 7.02 16.87 6.02
CA MET B 104 7.68 18.02 5.43
C MET B 104 7.23 18.28 3.98
N ARG B 105 6.83 17.23 3.27
CA ARG B 105 6.54 17.37 1.83
C ARG B 105 5.11 17.86 1.58
N PRO B 106 4.96 18.99 0.87
CA PRO B 106 3.61 19.44 0.51
C PRO B 106 2.91 18.44 -0.41
N ASP B 107 1.59 18.40 -0.31
CA ASP B 107 0.82 17.57 -1.23
C ASP B 107 0.98 18.08 -2.65
N LEU B 108 1.05 17.16 -3.61
CA LEU B 108 1.19 17.53 -5.02
C LEU B 108 -0.13 17.41 -5.79
N LYS B 109 -1.05 16.58 -5.31
CA LYS B 109 -2.25 16.24 -6.07
C LYS B 109 -3.07 17.46 -6.44
N GLY B 110 -3.25 18.37 -5.49
CA GLY B 110 -4.02 19.58 -5.75
C GLY B 110 -3.48 20.41 -6.90
N ALA B 111 -2.18 20.64 -6.86
CA ALA B 111 -1.54 21.45 -7.89
C ALA B 111 -1.57 20.75 -9.25
N LEU B 112 -1.41 19.43 -9.25
CA LEU B 112 -1.46 18.67 -10.50
C LEU B 112 -2.85 18.74 -11.16
N LEU B 113 -3.89 18.49 -10.37
CA LEU B 113 -5.25 18.58 -10.91
C LEU B 113 -5.49 19.98 -11.48
N SER B 114 -5.06 20.99 -10.74
CA SER B 114 -5.23 22.37 -11.19
C SER B 114 -4.48 22.67 -12.48
N LEU B 115 -3.27 22.11 -12.63
CA LEU B 115 -2.47 22.33 -13.84
C LEU B 115 -3.09 21.66 -15.07
N ILE B 116 -3.63 20.45 -14.90
CA ILE B 116 -4.34 19.79 -15.99
C ILE B 116 -5.49 20.67 -16.48
N GLU B 117 -6.25 21.23 -15.54
CA GLU B 117 -7.35 22.14 -15.87
C GLU B 117 -6.88 23.42 -16.53
N TYR B 118 -5.77 23.94 -16.01
CA TYR B 118 -5.19 25.19 -16.50
C TYR B 118 -4.85 25.10 -17.98
N TYR B 119 -4.30 23.95 -18.40
CA TYR B 119 -3.98 23.73 -19.80
C TYR B 119 -5.20 23.28 -20.61
N GLN B 120 -6.33 23.11 -19.92
CA GLN B 120 -7.57 22.69 -20.57
C GLN B 120 -7.45 21.36 -21.30
N TRP B 121 -6.69 20.45 -20.72
CA TRP B 121 -6.59 19.09 -21.24
C TRP B 121 -7.90 18.33 -21.07
N ASP B 122 -8.30 17.54 -22.06
CA ASP B 122 -9.46 16.68 -21.87
C ASP B 122 -9.14 15.21 -22.17
N LYS B 123 -7.91 14.94 -22.55
CA LYS B 123 -7.49 13.60 -22.93
C LYS B 123 -5.97 13.52 -22.78
N PHE B 124 -5.48 12.52 -22.06
CA PHE B 124 -4.04 12.40 -21.84
C PHE B 124 -3.64 11.03 -21.35
N ALA B 125 -2.36 10.71 -21.49
CA ALA B 125 -1.81 9.49 -20.89
C ALA B 125 -1.30 9.84 -19.49
N TYR B 126 -1.46 8.89 -18.56
CA TYR B 126 -0.92 9.04 -17.22
C TYR B 126 0.02 7.89 -16.98
N LEU B 127 1.31 8.17 -17.02
CA LEU B 127 2.34 7.17 -16.83
C LEU B 127 2.73 7.14 -15.35
N TYR B 128 2.40 6.05 -14.66
CA TYR B 128 2.66 5.94 -13.23
C TYR B 128 3.58 4.76 -12.89
N ASP B 129 3.96 4.66 -11.63
CA ASP B 129 4.80 3.57 -11.18
C ASP B 129 4.14 2.96 -9.94
N SER B 130 3.64 1.72 -10.05
CA SER B 130 2.84 1.16 -8.97
C SER B 130 3.64 0.99 -7.67
N ASP B 131 4.94 0.77 -7.78
CA ASP B 131 5.76 0.61 -6.58
C ASP B 131 5.92 1.93 -5.83
N ARG B 132 5.72 3.02 -6.55
CA ARG B 132 5.84 4.36 -6.01
C ARG B 132 4.55 4.73 -5.29
N GLY B 133 3.42 4.33 -5.86
CA GLY B 133 2.14 4.55 -5.22
C GLY B 133 1.13 5.04 -6.23
N LEU B 134 -0.15 4.89 -5.92
CA LEU B 134 -1.19 5.18 -6.88
C LEU B 134 -2.11 6.32 -6.45
N SER B 135 -1.83 6.92 -5.29
CA SER B 135 -2.70 7.95 -4.72
C SER B 135 -2.94 9.11 -5.66
N THR B 136 -1.90 9.57 -6.36
CA THR B 136 -2.06 10.70 -7.25
C THR B 136 -2.87 10.32 -8.50
N LEU B 137 -2.56 9.16 -9.06
CA LEU B 137 -3.37 8.64 -10.15
C LEU B 137 -4.83 8.55 -9.72
N GLN B 138 -5.09 8.05 -8.52
CA GLN B 138 -6.47 7.93 -8.07
C GLN B 138 -7.19 9.27 -7.98
N ALA B 139 -6.46 10.30 -7.55
CA ALA B 139 -7.03 11.64 -7.48
C ALA B 139 -7.44 12.09 -8.86
N VAL B 140 -6.57 11.84 -9.83
CA VAL B 140 -6.87 12.21 -11.23
C VAL B 140 -8.06 11.42 -11.75
N LEU B 141 -8.09 10.11 -11.52
CA LEU B 141 -9.22 9.31 -11.98
C LEU B 141 -10.53 9.75 -11.30
N ASP B 142 -10.46 10.11 -10.02
CA ASP B 142 -11.65 10.53 -9.28
C ASP B 142 -12.24 11.79 -9.93
N SER B 143 -11.37 12.69 -10.36
CA SER B 143 -11.82 13.96 -10.95
C SER B 143 -12.22 13.85 -12.42
N ALA B 144 -11.78 12.78 -13.07
CA ALA B 144 -11.95 12.65 -14.53
C ALA B 144 -13.40 12.72 -15.03
N ALA B 145 -14.33 12.15 -14.28
CA ALA B 145 -15.74 12.21 -14.67
C ALA B 145 -16.26 13.65 -14.66
N GLU B 146 -16.07 14.32 -13.53
CA GLU B 146 -16.55 15.69 -13.34
C GLU B 146 -15.87 16.66 -14.29
N LYS B 147 -14.59 16.41 -14.58
CA LYS B 147 -13.80 17.35 -15.38
C LYS B 147 -13.81 16.99 -16.86
N LYS B 148 -14.43 15.86 -17.20
CA LYS B 148 -14.43 15.34 -18.56
C LYS B 148 -13.03 15.05 -19.10
N TRP B 149 -12.34 14.13 -18.42
CA TRP B 149 -11.00 13.72 -18.86
C TRP B 149 -11.02 12.28 -19.31
N GLN B 150 -10.41 12.03 -20.47
CA GLN B 150 -10.22 10.66 -20.95
C GLN B 150 -8.79 10.29 -20.62
N VAL B 151 -8.61 9.55 -19.53
CA VAL B 151 -7.29 9.18 -19.08
C VAL B 151 -6.92 7.78 -19.54
N THR B 152 -5.70 7.64 -20.07
CA THR B 152 -5.15 6.32 -20.36
C THR B 152 -4.01 6.07 -19.40
N ALA B 153 -4.23 5.21 -18.42
CA ALA B 153 -3.25 5.01 -17.35
C ALA B 153 -2.36 3.83 -17.67
N ILE B 154 -1.05 4.06 -17.61
CA ILE B 154 -0.07 3.03 -17.95
C ILE B 154 1.01 2.96 -16.87
N ASN B 155 1.20 1.77 -16.34
CA ASN B 155 2.18 1.52 -15.29
C ASN B 155 3.58 1.35 -15.88
N VAL B 156 4.37 2.42 -15.93
CA VAL B 156 5.72 2.29 -16.46
C VAL B 156 6.69 1.79 -15.40
N GLY B 157 6.17 1.48 -14.21
CA GLY B 157 6.97 0.81 -13.20
C GLY B 157 7.32 -0.60 -13.66
N ASN B 158 6.61 -1.06 -14.70
CA ASN B 158 6.82 -2.39 -15.27
C ASN B 158 7.63 -2.35 -16.56
N ILE B 159 8.26 -1.20 -16.84
CA ILE B 159 8.96 -1.01 -18.12
C ILE B 159 10.21 -1.88 -18.27
N ASN B 160 10.68 -2.43 -17.15
CA ASN B 160 11.81 -3.34 -17.17
C ASN B 160 11.48 -4.70 -16.57
N ASN B 161 10.22 -4.86 -16.16
CA ASN B 161 9.73 -6.07 -15.51
C ASN B 161 9.27 -7.16 -16.44
N ASP B 162 8.63 -8.17 -15.87
CA ASP B 162 8.04 -9.23 -16.66
C ASP B 162 6.87 -8.67 -17.46
N LYS B 163 6.26 -7.62 -16.92
CA LYS B 163 5.17 -6.94 -17.62
C LYS B 163 5.72 -5.92 -18.61
N LYS B 164 7.02 -6.03 -18.89
CA LYS B 164 7.72 -5.12 -19.79
C LYS B 164 7.10 -5.06 -21.20
N ASP B 165 6.90 -6.22 -21.81
CA ASP B 165 6.36 -6.26 -23.16
C ASP B 165 4.93 -5.74 -23.16
N GLU B 166 4.22 -5.98 -22.07
CA GLU B 166 2.87 -5.47 -21.90
C GLU B 166 2.92 -3.95 -21.78
N THR B 167 3.96 -3.45 -21.13
CA THR B 167 4.11 -2.02 -20.92
C THR B 167 4.42 -1.33 -22.24
N TYR B 168 5.27 -1.96 -23.04
CA TYR B 168 5.59 -1.39 -24.36
C TYR B 168 4.40 -1.47 -25.28
N ARG B 169 3.64 -2.55 -25.18
CA ARG B 169 2.44 -2.66 -26.00
C ARG B 169 1.47 -1.56 -25.64
N SER B 170 1.36 -1.27 -24.34
CA SER B 170 0.45 -0.21 -23.87
C SER B 170 0.88 1.16 -24.36
N LEU B 171 2.18 1.45 -24.22
CA LEU B 171 2.73 2.71 -24.71
C LEU B 171 2.51 2.82 -26.21
N PHE B 172 2.75 1.73 -26.92
CA PHE B 172 2.57 1.72 -28.37
C PHE B 172 1.12 1.99 -28.76
N GLN B 173 0.17 1.32 -28.12
CA GLN B 173 -1.22 1.52 -28.50
C GLN B 173 -1.68 2.95 -28.25
N ASP B 174 -1.21 3.56 -27.16
CA ASP B 174 -1.64 4.93 -26.86
C ASP B 174 -0.93 5.98 -27.75
N LEU B 175 0.38 5.83 -27.95
CA LEU B 175 1.16 6.84 -28.68
C LEU B 175 1.09 6.69 -30.20
N GLU B 176 1.06 5.44 -30.67
CA GLU B 176 1.03 5.18 -32.11
C GLU B 176 -0.38 5.01 -32.64
N LEU B 177 -1.15 4.14 -32.02
CA LEU B 177 -2.50 3.88 -32.51
C LEU B 177 -3.44 5.03 -32.22
N LYS B 178 -3.42 5.54 -31.00
CA LYS B 178 -4.34 6.59 -30.57
C LYS B 178 -3.75 8.01 -30.69
N LYS B 179 -2.49 8.09 -31.10
CA LYS B 179 -1.85 9.37 -31.36
C LYS B 179 -1.88 10.33 -30.16
N GLU B 180 -1.74 9.77 -28.97
N GLU B 180 -1.77 9.78 -28.96
CA GLU B 180 -1.68 10.56 -27.73
CA GLU B 180 -1.77 10.66 -27.80
C GLU B 180 -0.47 11.50 -27.77
C GLU B 180 -0.51 11.51 -27.78
N ARG B 181 -0.66 12.77 -27.39
CA ARG B 181 0.46 13.70 -27.34
C ARG B 181 0.58 14.45 -26.01
N ARG B 182 -0.38 14.25 -25.11
CA ARG B 182 -0.32 14.85 -23.79
C ARG B 182 -0.03 13.74 -22.78
N VAL B 183 1.06 13.90 -22.04
CA VAL B 183 1.57 12.82 -21.21
C VAL B 183 1.94 13.32 -19.82
N ILE B 184 1.41 12.67 -18.80
CA ILE B 184 1.79 13.02 -17.43
C ILE B 184 2.72 11.92 -16.96
N LEU B 185 3.86 12.33 -16.41
CA LEU B 185 4.85 11.39 -15.87
C LEU B 185 4.90 11.49 -14.37
N ASP B 186 4.40 10.46 -13.70
CA ASP B 186 4.35 10.41 -12.25
C ASP B 186 5.37 9.37 -11.82
N CYS B 187 6.60 9.81 -11.53
CA CYS B 187 7.70 8.89 -11.32
C CYS B 187 8.80 9.52 -10.49
N GLU B 188 9.77 8.70 -10.10
CA GLU B 188 10.99 9.17 -9.44
C GLU B 188 11.68 10.18 -10.34
N ARG B 189 12.14 11.30 -9.77
CA ARG B 189 12.64 12.38 -10.62
C ARG B 189 13.80 11.95 -11.51
N ASP B 190 14.67 11.09 -10.99
CA ASP B 190 15.84 10.67 -11.77
C ASP B 190 15.50 9.56 -12.76
N LYS B 191 14.22 9.23 -12.88
CA LYS B 191 13.78 8.27 -13.90
C LYS B 191 13.11 8.94 -15.09
N VAL B 192 12.90 10.26 -15.00
CA VAL B 192 12.21 10.96 -16.07
C VAL B 192 12.86 10.75 -17.43
N ASN B 193 14.15 11.01 -17.52
CA ASN B 193 14.79 10.94 -18.83
C ASN B 193 14.77 9.53 -19.42
N ASP B 194 14.88 8.52 -18.56
CA ASP B 194 14.83 7.12 -19.03
C ASP B 194 13.46 6.77 -19.61
N ILE B 195 12.40 7.22 -18.95
CA ILE B 195 11.05 6.96 -19.43
C ILE B 195 10.80 7.75 -20.70
N VAL B 196 11.16 9.03 -20.70
CA VAL B 196 11.01 9.86 -21.90
C VAL B 196 11.76 9.26 -23.07
N ASP B 197 13.00 8.79 -22.84
CA ASP B 197 13.77 8.23 -23.94
C ASP B 197 12.99 7.10 -24.59
N GLN B 198 12.33 6.29 -23.78
CA GLN B 198 11.56 5.18 -24.31
C GLN B 198 10.34 5.69 -25.08
N VAL B 199 9.65 6.66 -24.52
CA VAL B 199 8.50 7.27 -25.19
C VAL B 199 8.88 7.79 -26.57
N ILE B 200 10.05 8.42 -26.65
CA ILE B 200 10.49 9.00 -27.91
C ILE B 200 10.78 7.96 -29.00
N THR B 201 11.26 6.78 -28.61
CA THR B 201 11.55 5.73 -29.58
C THR B 201 10.27 5.06 -30.06
N ILE B 202 9.21 5.18 -29.25
CA ILE B 202 7.94 4.51 -29.51
C ILE B 202 6.94 5.38 -30.27
N GLY B 203 6.89 6.67 -29.92
CA GLY B 203 5.90 7.56 -30.48
C GLY B 203 6.32 8.15 -31.81
N LYS B 204 5.60 9.17 -32.26
CA LYS B 204 5.87 9.81 -33.54
C LYS B 204 5.49 11.28 -33.45
N HIS B 205 6.10 12.13 -34.28
CA HIS B 205 5.89 13.57 -34.18
C HIS B 205 6.11 13.99 -32.73
N VAL B 206 7.17 13.47 -32.12
CA VAL B 206 7.37 13.64 -30.68
C VAL B 206 7.66 15.10 -30.32
N LYS B 207 8.09 15.90 -31.29
CA LYS B 207 8.32 17.31 -31.03
C LYS B 207 7.04 17.99 -30.57
N GLY B 208 5.90 17.42 -30.95
CA GLY B 208 4.61 18.01 -30.65
C GLY B 208 4.00 17.59 -29.31
N TYR B 209 4.69 16.71 -28.58
CA TYR B 209 4.20 16.27 -27.27
C TYR B 209 4.23 17.38 -26.23
N HIS B 210 3.40 17.21 -25.19
CA HIS B 210 3.46 18.08 -24.03
C HIS B 210 3.46 17.20 -22.79
N TYR B 211 4.58 17.20 -22.08
CA TYR B 211 4.71 16.40 -20.86
C TYR B 211 4.42 17.27 -19.65
N ILE B 212 3.76 16.70 -18.64
CA ILE B 212 3.75 17.31 -17.31
C ILE B 212 4.53 16.38 -16.42
N ILE B 213 5.60 16.88 -15.80
CA ILE B 213 6.37 16.07 -14.86
C ILE B 213 5.76 16.20 -13.48
N ALA B 214 5.04 15.16 -13.05
CA ALA B 214 4.32 15.21 -11.79
C ALA B 214 5.26 14.86 -10.65
N ASN B 215 6.03 15.85 -10.21
CA ASN B 215 7.07 15.64 -9.22
C ASN B 215 7.41 17.04 -8.73
N LEU B 216 7.83 17.18 -7.47
CA LEU B 216 8.05 18.51 -6.90
C LEU B 216 9.43 19.09 -7.20
N GLY B 217 10.23 18.36 -7.97
CA GLY B 217 11.58 18.80 -8.29
C GLY B 217 11.81 18.94 -9.79
N PHE B 218 11.07 19.83 -10.41
CA PHE B 218 11.19 20.03 -11.87
C PHE B 218 12.63 20.16 -12.31
N THR B 219 13.42 21.00 -11.63
CA THR B 219 14.78 21.29 -12.11
C THR B 219 15.85 20.47 -11.41
N ASP B 220 15.44 19.40 -10.72
CA ASP B 220 16.38 18.56 -9.99
C ASP B 220 17.29 17.77 -10.91
N GLY B 221 16.83 17.54 -12.14
CA GLY B 221 17.64 16.90 -13.16
C GLY B 221 17.81 17.81 -14.37
N ASP B 222 18.76 17.48 -15.24
CA ASP B 222 18.99 18.26 -16.44
C ASP B 222 17.73 18.34 -17.30
N LEU B 223 17.37 19.55 -17.71
CA LEU B 223 16.25 19.74 -18.60
C LEU B 223 16.72 20.30 -19.92
N LEU B 224 16.90 19.42 -20.89
CA LEU B 224 17.39 19.83 -22.19
C LEU B 224 16.35 19.47 -23.24
N LYS B 225 15.74 20.50 -23.83
CA LYS B 225 14.72 20.30 -24.86
C LYS B 225 15.11 19.21 -25.85
N ILE B 226 16.39 19.17 -26.21
CA ILE B 226 16.88 18.16 -27.14
C ILE B 226 16.64 16.74 -26.59
N GLN B 227 16.81 16.58 -25.29
CA GLN B 227 16.55 15.31 -24.61
C GLN B 227 15.06 14.97 -24.67
N PHE B 228 14.23 16.00 -24.73
CA PHE B 228 12.78 15.81 -24.82
C PHE B 228 12.29 15.81 -26.25
N GLY B 229 13.23 15.78 -27.18
CA GLY B 229 12.88 15.72 -28.60
C GLY B 229 12.15 16.97 -29.10
N GLY B 230 12.31 18.09 -28.40
CA GLY B 230 11.70 19.34 -28.80
C GLY B 230 10.31 19.62 -28.25
N ALA B 231 9.80 18.73 -27.42
CA ALA B 231 8.44 18.85 -26.86
C ALA B 231 8.31 19.99 -25.85
N ASN B 232 7.07 20.35 -25.52
CA ASN B 232 6.78 21.22 -24.37
C ASN B 232 6.87 20.40 -23.08
N VAL B 233 7.41 21.00 -22.01
CA VAL B 233 7.55 20.28 -20.74
C VAL B 233 7.14 21.20 -19.59
N SER B 234 6.21 20.75 -18.74
CA SER B 234 5.76 21.54 -17.62
C SER B 234 5.97 20.75 -16.33
N GLY B 235 6.02 21.47 -15.21
CA GLY B 235 6.21 20.79 -13.95
C GLY B 235 6.08 21.71 -12.76
N PHE B 236 6.60 21.23 -11.63
CA PHE B 236 6.35 21.85 -10.34
C PHE B 236 7.67 21.99 -9.59
N GLN B 237 7.78 23.03 -8.77
CA GLN B 237 9.02 23.30 -8.04
C GLN B 237 8.68 23.95 -6.69
N ILE B 238 9.21 23.40 -5.60
CA ILE B 238 8.97 24.01 -4.29
C ILE B 238 10.19 24.74 -3.77
N VAL B 239 11.35 24.50 -4.39
CA VAL B 239 12.55 25.25 -4.06
C VAL B 239 12.76 26.35 -5.10
N ASP B 240 12.64 27.60 -4.68
CA ASP B 240 12.68 28.74 -5.61
C ASP B 240 14.06 29.38 -5.57
N TYR B 241 14.86 29.21 -6.63
CA TYR B 241 16.24 29.68 -6.61
C TYR B 241 16.35 31.21 -6.67
N ASP B 242 15.23 31.87 -6.88
CA ASP B 242 15.19 33.33 -6.80
C ASP B 242 15.07 33.84 -5.36
N ASP B 243 14.61 32.98 -4.46
CA ASP B 243 14.53 33.29 -3.03
C ASP B 243 15.93 33.59 -2.50
N SER B 244 16.12 34.70 -1.78
CA SER B 244 17.44 34.98 -1.22
C SER B 244 17.91 33.87 -0.28
N LEU B 245 16.99 33.28 0.47
CA LEU B 245 17.35 32.20 1.38
C LEU B 245 17.96 31.04 0.60
N VAL B 246 17.36 30.73 -0.54
CA VAL B 246 17.82 29.59 -1.33
C VAL B 246 19.12 29.92 -2.06
N SER B 247 19.20 31.11 -2.64
CA SER B 247 20.43 31.45 -3.37
C SER B 247 21.62 31.54 -2.41
N LYS B 248 21.40 32.05 -1.20
CA LYS B 248 22.47 32.07 -0.19
C LYS B 248 22.88 30.65 0.18
N PHE B 249 21.91 29.76 0.38
CA PHE B 249 22.22 28.36 0.67
C PHE B 249 23.08 27.77 -0.45
N ILE B 250 22.67 27.98 -1.70
CA ILE B 250 23.38 27.38 -2.83
C ILE B 250 24.77 27.97 -2.96
N GLU B 251 24.94 29.24 -2.63
CA GLU B 251 26.28 29.84 -2.69
C GLU B 251 27.24 29.07 -1.77
N ARG B 252 26.74 28.66 -0.61
CA ARG B 252 27.54 27.86 0.34
C ARG B 252 27.67 26.40 -0.08
N TRP B 253 26.54 25.80 -0.47
CA TRP B 253 26.48 24.37 -0.81
C TRP B 253 27.34 24.04 -2.03
N SER B 254 27.42 24.98 -2.96
CA SER B 254 28.08 24.76 -4.24
C SER B 254 29.61 24.62 -4.15
N THR B 255 30.19 24.95 -2.99
CA THR B 255 31.63 24.79 -2.83
C THR B 255 32.04 23.68 -1.87
N LEU B 256 31.07 23.03 -1.24
CA LEU B 256 31.37 21.91 -0.38
C LEU B 256 32.01 20.79 -1.22
N GLU B 257 33.01 20.14 -0.65
CA GLU B 257 33.78 19.15 -1.37
C GLU B 257 32.92 17.90 -1.57
N GLU B 258 32.85 17.40 -2.80
CA GLU B 258 31.88 16.36 -3.14
C GLU B 258 32.19 14.98 -2.52
N LYS B 259 33.45 14.69 -2.27
CA LYS B 259 33.78 13.43 -1.62
C LYS B 259 33.30 13.45 -0.17
N GLU B 260 33.57 14.55 0.52
CA GLU B 260 33.21 14.71 1.93
C GLU B 260 31.70 14.87 2.11
N TYR B 261 31.05 15.55 1.16
CA TYR B 261 29.61 15.82 1.20
C TYR B 261 28.97 15.32 -0.09
N PRO B 262 28.73 14.00 -0.17
CA PRO B 262 28.16 13.42 -1.38
C PRO B 262 26.92 14.16 -1.84
N GLY B 263 26.86 14.46 -3.13
CA GLY B 263 25.71 15.16 -3.68
C GLY B 263 25.79 16.67 -3.63
N ALA B 264 26.79 17.22 -2.93
CA ALA B 264 26.94 18.68 -2.87
C ALA B 264 27.81 19.21 -4.01
N HIS B 265 28.26 20.45 -3.90
CA HIS B 265 29.06 21.06 -4.96
C HIS B 265 28.24 21.18 -6.24
N THR B 266 26.94 21.43 -6.07
CA THR B 266 26.01 21.53 -7.18
C THR B 266 25.31 22.90 -7.14
N ALA B 267 24.75 23.32 -8.27
CA ALA B 267 24.01 24.58 -8.30
C ALA B 267 22.54 24.38 -7.95
N THR B 268 22.13 23.12 -7.83
CA THR B 268 20.75 22.82 -7.42
C THR B 268 20.79 21.84 -6.27
N ILE B 269 19.66 21.72 -5.58
CA ILE B 269 19.53 20.73 -4.51
CA ILE B 269 19.52 20.72 -4.52
C ILE B 269 18.21 19.99 -4.69
N LYS B 270 18.24 18.66 -4.57
CA LYS B 270 17.01 17.89 -4.78
C LYS B 270 15.96 18.30 -3.76
N TYR B 271 14.69 18.35 -4.16
CA TYR B 271 13.67 18.83 -3.24
C TYR B 271 13.63 18.03 -1.94
N THR B 272 13.91 16.72 -2.03
CA THR B 272 13.95 15.90 -0.81
C THR B 272 15.12 16.28 0.10
N SER B 273 16.24 16.69 -0.47
CA SER B 273 17.37 17.14 0.34
C SER B 273 17.05 18.49 0.96
N ALA B 274 16.39 19.36 0.20
CA ALA B 274 15.95 20.66 0.72
C ALA B 274 14.99 20.45 1.90
N LEU B 275 14.04 19.55 1.73
CA LEU B 275 13.11 19.23 2.84
C LEU B 275 13.83 18.65 4.05
N THR B 276 14.92 17.92 3.82
CA THR B 276 15.70 17.34 4.92
C THR B 276 16.41 18.44 5.73
N TYR B 277 17.06 19.36 5.04
CA TYR B 277 17.63 20.55 5.66
C TYR B 277 16.57 21.35 6.41
N ASP B 278 15.41 21.55 5.79
CA ASP B 278 14.33 22.28 6.45
C ASP B 278 13.85 21.55 7.71
N ALA B 279 13.85 20.22 7.66
CA ALA B 279 13.42 19.44 8.82
C ALA B 279 14.34 19.71 10.02
N VAL B 280 15.64 19.89 9.76
CA VAL B 280 16.54 20.23 10.87
C VAL B 280 16.17 21.59 11.48
N GLN B 281 15.85 22.56 10.64
CA GLN B 281 15.35 23.85 11.16
C GLN B 281 14.10 23.67 12.00
N VAL B 282 13.13 22.90 11.49
CA VAL B 282 11.89 22.68 12.23
C VAL B 282 12.15 22.04 13.60
N MET B 283 12.96 20.98 13.63
CA MET B 283 13.23 20.31 14.90
C MET B 283 13.94 21.27 15.85
N THR B 284 14.88 22.05 15.33
CA THR B 284 15.63 23.00 16.14
C THR B 284 14.69 24.03 16.77
N GLU B 285 13.81 24.61 15.96
CA GLU B 285 12.87 25.60 16.47
C GLU B 285 11.87 24.98 17.47
N ALA B 286 11.47 23.74 17.21
CA ALA B 286 10.52 23.08 18.10
C ALA B 286 11.14 22.77 19.46
N PHE B 287 12.40 22.31 19.44
CA PHE B 287 12.99 21.72 20.62
C PHE B 287 13.77 22.69 21.50
N ARG B 288 14.21 23.81 20.93
CA ARG B 288 15.13 24.65 21.68
C ARG B 288 14.49 25.18 22.96
N ASN B 289 13.16 25.16 23.02
CA ASN B 289 12.43 25.66 24.18
C ASN B 289 11.89 24.59 25.12
N LEU B 290 11.94 23.33 24.69
CA LEU B 290 11.46 22.22 25.53
C LEU B 290 12.32 22.04 26.78
N ARG B 291 11.75 21.41 27.80
CA ARG B 291 12.44 21.22 29.07
C ARG B 291 13.78 20.52 28.93
N LYS B 292 14.80 21.05 29.61
CA LYS B 292 16.11 20.41 29.64
C LYS B 292 16.12 19.25 30.62
N GLN B 293 15.64 18.09 30.19
CA GLN B 293 15.64 16.90 31.04
C GLN B 293 17.04 16.64 31.57
N ARG B 294 17.13 16.03 32.74
CA ARG B 294 18.42 15.74 33.38
C ARG B 294 19.37 15.00 32.44
N ILE B 295 20.58 15.55 32.28
CA ILE B 295 21.57 14.98 31.38
C ILE B 295 21.80 13.49 31.64
N GLU B 296 21.32 12.66 30.73
CA GLU B 296 21.45 11.21 30.86
C GLU B 296 22.44 10.64 29.85
N ILE B 297 22.77 9.36 30.00
CA ILE B 297 23.68 8.69 29.09
C ILE B 297 22.92 8.09 27.90
N SER B 298 23.46 8.27 26.71
CA SER B 298 22.86 7.70 25.50
C SER B 298 23.49 6.36 25.16
N ARG B 299 22.66 5.32 25.07
CA ARG B 299 23.15 3.97 24.86
C ARG B 299 22.54 3.32 23.61
N ARG B 300 23.35 2.56 22.89
CA ARG B 300 22.87 1.78 21.74
C ARG B 300 21.50 1.19 22.05
N GLY B 301 20.62 1.18 21.06
CA GLY B 301 19.26 0.73 21.28
C GLY B 301 19.06 -0.75 21.03
N ASN B 302 18.03 -1.30 21.66
CA ASN B 302 17.65 -2.69 21.47
C ASN B 302 16.25 -2.76 20.88
N ALA B 303 16.14 -3.26 19.65
CA ALA B 303 14.84 -3.26 18.96
C ALA B 303 13.76 -3.99 19.76
N GLY B 304 14.17 -4.99 20.53
CA GLY B 304 13.23 -5.76 21.33
C GLY B 304 12.46 -4.91 22.34
N ASP B 305 12.96 -3.71 22.61
CA ASP B 305 12.29 -2.83 23.57
C ASP B 305 10.92 -2.40 23.05
N CYS B 306 10.68 -2.57 21.75
CA CYS B 306 9.34 -2.27 21.23
C CYS B 306 8.29 -3.15 21.92
N LEU B 307 8.71 -4.33 22.33
CA LEU B 307 7.78 -5.25 22.98
C LEU B 307 8.02 -5.34 24.49
N ALA B 308 9.23 -5.00 24.92
CA ALA B 308 9.61 -5.14 26.32
C ALA B 308 9.25 -3.91 27.15
N ASN B 309 9.31 -2.74 26.53
CA ASN B 309 9.10 -1.47 27.23
C ASN B 309 7.74 -0.90 26.87
N PRO B 310 7.13 -0.15 27.79
CA PRO B 310 5.84 0.48 27.49
C PRO B 310 6.03 1.69 26.58
N ALA B 311 4.95 2.09 25.93
CA ALA B 311 4.97 3.29 25.09
C ALA B 311 5.30 4.53 25.93
N VAL B 312 5.86 5.56 25.28
CA VAL B 312 6.02 6.85 25.95
C VAL B 312 4.65 7.33 26.39
N PRO B 313 4.51 7.74 27.66
CA PRO B 313 3.18 8.24 28.06
C PRO B 313 2.69 9.31 27.10
N TRP B 314 1.43 9.20 26.69
CA TRP B 314 0.90 10.05 25.64
C TRP B 314 1.07 11.54 25.99
N GLY B 315 0.80 11.89 27.25
CA GLY B 315 0.92 13.27 27.70
C GLY B 315 2.33 13.82 27.56
N GLN B 316 3.33 12.94 27.62
CA GLN B 316 4.72 13.33 27.41
C GLN B 316 5.02 13.51 25.92
N GLY B 317 4.68 12.50 25.13
CA GLY B 317 5.00 12.54 23.71
C GLY B 317 4.24 13.65 22.98
N VAL B 318 3.01 13.93 23.40
CA VAL B 318 2.20 14.91 22.68
C VAL B 318 2.79 16.33 22.81
N GLU B 319 3.52 16.58 23.88
CA GLU B 319 4.16 17.90 24.00
C GLU B 319 5.19 18.13 22.89
N ILE B 320 5.93 17.07 22.54
CA ILE B 320 6.92 17.18 21.47
C ILE B 320 6.24 17.29 20.11
N GLU B 321 5.23 16.45 19.90
CA GLU B 321 4.45 16.48 18.67
C GLU B 321 3.90 17.88 18.43
N ARG B 322 3.32 18.48 19.47
CA ARG B 322 2.69 19.78 19.32
C ARG B 322 3.72 20.86 19.06
N ALA B 323 4.89 20.73 19.69
CA ALA B 323 5.96 21.72 19.50
C ALA B 323 6.38 21.70 18.03
N LEU B 324 6.51 20.51 17.45
CA LEU B 324 6.86 20.42 16.04
C LEU B 324 5.78 21.04 15.16
N LYS B 325 4.51 20.71 15.43
CA LYS B 325 3.44 21.20 14.56
C LYS B 325 3.19 22.69 14.66
N GLN B 326 3.67 23.31 15.74
CA GLN B 326 3.47 24.75 15.94
C GLN B 326 4.54 25.60 15.26
N VAL B 327 5.58 24.95 14.74
CA VAL B 327 6.67 25.71 14.12
C VAL B 327 6.17 26.45 12.90
N GLN B 328 6.60 27.71 12.78
CA GLN B 328 6.34 28.52 11.60
C GLN B 328 7.66 29.17 11.20
N VAL B 329 8.26 28.70 10.11
CA VAL B 329 9.55 29.24 9.67
C VAL B 329 9.56 29.34 8.15
N GLU B 330 10.53 30.07 7.61
CA GLU B 330 10.79 30.06 6.18
C GLU B 330 12.01 29.19 5.93
N GLY B 331 11.92 28.31 4.95
CA GLY B 331 13.04 27.43 4.63
C GLY B 331 13.28 27.35 3.14
N LEU B 332 14.09 26.38 2.73
CA LEU B 332 14.38 26.21 1.32
C LEU B 332 13.10 25.89 0.54
N SER B 333 12.15 25.22 1.19
CA SER B 333 10.87 24.87 0.56
C SER B 333 9.79 25.91 0.80
N GLY B 334 10.22 27.13 1.09
CA GLY B 334 9.32 28.26 1.25
C GLY B 334 8.71 28.37 2.64
N ASN B 335 7.46 28.82 2.69
CA ASN B 335 6.79 28.98 3.97
C ASN B 335 6.42 27.62 4.54
N ILE B 336 6.88 27.36 5.77
CA ILE B 336 6.63 26.07 6.44
C ILE B 336 5.67 26.29 7.61
N LYS B 337 4.50 25.66 7.53
CA LYS B 337 3.50 25.75 8.58
C LYS B 337 2.76 24.42 8.49
N PHE B 338 2.31 23.91 9.63
CA PHE B 338 1.61 22.64 9.68
C PHE B 338 0.20 22.76 10.23
N ASP B 339 -0.70 21.90 9.74
CA ASP B 339 -2.01 21.78 10.39
C ASP B 339 -1.93 20.79 11.55
N GLN B 340 -3.06 20.53 12.21
CA GLN B 340 -3.06 19.69 13.41
C GLN B 340 -2.71 18.22 13.14
N ASN B 341 -2.67 17.84 11.86
CA ASN B 341 -2.32 16.48 11.48
C ASN B 341 -0.91 16.41 10.86
N GLY B 342 -0.13 17.47 11.03
CA GLY B 342 1.24 17.43 10.55
C GLY B 342 1.40 17.61 9.05
N LYS B 343 0.35 18.09 8.38
CA LYS B 343 0.44 18.33 6.93
C LYS B 343 0.84 19.78 6.66
N ARG B 344 1.70 20.01 5.66
CA ARG B 344 2.06 21.38 5.28
C ARG B 344 0.81 22.11 4.84
N ILE B 345 0.65 23.33 5.33
CA ILE B 345 -0.40 24.24 4.84
C ILE B 345 0.20 25.60 4.53
N ASN B 346 -0.55 26.42 3.80
CA ASN B 346 -0.08 27.75 3.41
C ASN B 346 1.23 27.74 2.64
N TYR B 347 1.46 26.66 1.88
CA TYR B 347 2.66 26.56 1.06
C TYR B 347 2.35 27.03 -0.36
N THR B 348 3.39 27.19 -1.16
CA THR B 348 3.19 27.58 -2.56
C THR B 348 4.02 26.65 -3.41
N ILE B 349 3.44 26.16 -4.49
CA ILE B 349 4.17 25.36 -5.47
C ILE B 349 4.34 26.19 -6.73
N ASN B 350 5.58 26.39 -7.17
CA ASN B 350 5.80 27.13 -8.42
C ASN B 350 5.50 26.26 -9.61
N ILE B 351 4.87 26.86 -10.62
CA ILE B 351 4.56 26.13 -11.84
C ILE B 351 5.58 26.52 -12.89
N MET B 352 6.24 25.53 -13.48
CA MET B 352 7.36 25.76 -14.39
C MET B 352 7.12 25.25 -15.80
N GLU B 353 7.77 25.90 -16.77
CA GLU B 353 7.80 25.39 -18.14
C GLU B 353 9.23 25.44 -18.66
N LEU B 354 9.57 24.51 -19.55
CA LEU B 354 10.90 24.53 -20.12
C LEU B 354 10.88 25.46 -21.33
N LYS B 355 11.57 26.59 -21.22
CA LYS B 355 11.57 27.59 -22.29
C LYS B 355 12.88 27.58 -23.06
N THR B 356 12.98 28.46 -24.05
CA THR B 356 14.18 28.60 -24.87
C THR B 356 15.43 28.69 -24.02
N ASN B 357 15.42 29.63 -23.08
CA ASN B 357 16.57 29.89 -22.25
C ASN B 357 16.70 28.94 -21.04
N GLY B 358 15.77 28.00 -20.93
CA GLY B 358 15.78 27.06 -19.83
C GLY B 358 14.48 27.08 -19.04
N PRO B 359 14.44 26.37 -17.90
CA PRO B 359 13.19 26.30 -17.12
C PRO B 359 12.83 27.68 -16.60
N ARG B 360 11.54 28.01 -16.64
CA ARG B 360 11.09 29.32 -16.19
C ARG B 360 9.81 29.18 -15.37
N LYS B 361 9.67 30.00 -14.34
CA LYS B 361 8.45 29.99 -13.54
C LYS B 361 7.41 30.77 -14.30
N ILE B 362 6.30 30.11 -14.64
CA ILE B 362 5.24 30.77 -15.37
C ILE B 362 4.07 31.13 -14.46
N GLY B 363 4.08 30.61 -13.24
CA GLY B 363 2.97 30.85 -12.33
C GLY B 363 3.17 30.11 -11.02
N TYR B 364 2.12 30.06 -10.22
CA TYR B 364 2.20 29.36 -8.93
C TYR B 364 0.85 28.83 -8.48
N TRP B 365 0.87 27.90 -7.54
CA TRP B 365 -0.33 27.31 -6.95
C TRP B 365 -0.18 27.45 -5.43
N SER B 366 -1.09 28.17 -4.79
CA SER B 366 -1.01 28.31 -3.34
C SER B 366 -2.02 27.38 -2.69
N GLU B 367 -1.62 26.79 -1.57
CA GLU B 367 -2.49 25.85 -0.88
C GLU B 367 -3.78 26.49 -0.38
N VAL B 368 -3.72 27.78 -0.04
CA VAL B 368 -4.93 28.46 0.45
C VAL B 368 -5.99 28.68 -0.63
N ASP B 369 -5.55 28.92 -1.87
CA ASP B 369 -6.47 29.27 -2.96
C ASP B 369 -6.73 28.11 -3.92
N LYS B 370 -5.73 27.25 -4.10
CA LYS B 370 -5.87 26.03 -4.89
C LYS B 370 -6.21 26.23 -6.37
N MET B 371 -5.62 27.25 -6.98
CA MET B 371 -5.70 27.42 -8.43
C MET B 371 -4.36 27.87 -8.99
N VAL B 372 -4.13 27.60 -10.27
CA VAL B 372 -2.91 28.09 -10.91
C VAL B 372 -3.09 29.58 -11.23
N VAL B 373 -2.18 30.39 -10.72
CA VAL B 373 -2.15 31.83 -10.98
C VAL B 373 -0.99 32.11 -11.92
N THR B 374 -1.25 32.86 -12.99
CA THR B 374 -0.24 33.15 -14.01
C THR B 374 0.60 34.38 -13.65
N LEU B 375 1.92 34.29 -13.86
CA LEU B 375 2.84 35.39 -13.56
C LEU B 375 3.27 36.09 -14.86
N THR B 376 3.51 37.40 -14.78
CA THR B 376 4.08 38.10 -15.93
C THR B 376 5.57 37.81 -16.03
C1 NAG C . -7.76 -29.39 -11.18
C2 NAG C . -7.99 -30.63 -10.29
C3 NAG C . -8.82 -31.68 -11.04
C4 NAG C . -10.12 -31.11 -11.62
C5 NAG C . -10.06 -29.72 -12.21
C6 NAG C . -11.48 -29.08 -12.09
C7 NAG C . -6.10 -30.82 -8.71
C8 NAG C . -4.79 -31.46 -8.27
N2 NAG C . -6.72 -31.25 -9.83
O3 NAG C . -9.12 -32.77 -10.14
O4 NAG C . -10.54 -31.89 -12.73
O5 NAG C . -9.02 -28.87 -11.71
O6 NAG C . -11.53 -28.16 -13.14
O7 NAG C . -6.58 -29.92 -8.02
C1 NAG C . -11.90 -32.34 -12.56
C2 NAG C . -12.46 -32.88 -13.89
C3 NAG C . -13.91 -33.34 -13.72
C4 NAG C . -14.10 -34.23 -12.49
C5 NAG C . -13.41 -33.60 -11.23
C6 NAG C . -13.34 -34.55 -10.03
C7 NAG C . -11.42 -31.77 -15.80
C8 NAG C . -11.54 -30.59 -16.74
N2 NAG C . -12.39 -31.85 -14.89
O3 NAG C . -14.31 -34.06 -14.84
O4 NAG C . -15.50 -34.48 -12.29
O5 NAG C . -12.06 -33.25 -11.49
O6 NAG C . -13.26 -33.73 -8.89
O7 NAG C . -10.50 -32.60 -15.91
C1 BMA C . -15.92 -35.89 -12.49
C2 BMA C . -17.18 -36.24 -11.64
C3 BMA C . -17.76 -37.64 -11.96
C4 BMA C . -17.92 -37.79 -13.48
C5 BMA C . -16.52 -37.61 -14.11
C6 BMA C . -16.45 -37.95 -15.59
O2 BMA C . -18.16 -35.23 -11.85
O3 BMA C . -18.98 -37.89 -11.27
O4 BMA C . -18.60 -38.98 -13.85
O5 BMA C . -16.07 -36.26 -13.86
O6 BMA C . -15.91 -36.88 -16.35
C1 NAG D . -28.61 -5.64 -17.55
C2 NAG D . -28.71 -4.20 -18.18
C3 NAG D . -27.77 -4.14 -19.38
C4 NAG D . -27.02 -5.45 -19.23
C5 NAG D . -28.00 -6.67 -19.42
C6 NAG D . -27.22 -8.00 -19.41
C7 NAG D . -31.08 -3.74 -17.56
C8 NAG D . -32.47 -3.45 -18.08
N2 NAG D . -30.11 -3.87 -18.48
O3 NAG D . -26.88 -3.09 -19.21
O4 NAG D . -25.69 -5.45 -19.75
O5 NAG D . -29.06 -6.59 -18.42
O6 NAG D . -28.03 -9.16 -19.22
O7 NAG D . -30.91 -3.86 -16.32
S SO4 E . -12.86 -8.95 2.55
O1 SO4 E . -12.89 -7.54 2.95
O2 SO4 E . -12.96 -9.79 3.73
O3 SO4 E . -13.98 -9.22 1.66
O4 SO4 E . -11.61 -9.22 1.85
C1 NAG F . -2.53 30.45 6.89
C2 NAG F . -3.26 31.41 5.96
C3 NAG F . -4.52 31.98 6.61
C4 NAG F . -5.37 30.91 7.28
C5 NAG F . -4.56 29.81 8.01
C6 NAG F . -5.41 28.55 8.13
C7 NAG F . -1.79 32.80 4.47
C8 NAG F . -0.85 33.97 4.42
N2 NAG F . -2.33 32.51 5.68
O3 NAG F . -5.27 32.51 5.52
O4 NAG F . -6.31 31.60 8.09
O5 NAG F . -3.37 29.39 7.29
O6 NAG F . -4.90 27.77 9.17
O7 NAG F . -2.04 32.19 3.42
S SO4 G . -1.37 21.58 -25.10
O1 SO4 G . -0.10 21.56 -25.83
O2 SO4 G . -2.06 22.84 -25.32
O3 SO4 G . -2.21 20.48 -25.58
O4 SO4 G . -1.12 21.43 -23.67
S SO4 H . 11.51 11.38 -5.93
O1 SO4 H . 10.27 12.14 -6.10
O2 SO4 H . 11.17 9.97 -5.70
O3 SO4 H . 12.33 11.53 -7.13
O4 SO4 H . 12.22 11.87 -4.76
S SO4 I . -3.92 6.40 4.63
O1 SO4 I . -3.91 6.81 3.22
O2 SO4 I . -5.30 6.18 5.07
O3 SO4 I . -3.17 5.16 4.79
O4 SO4 I . -3.31 7.45 5.43
#